data_8YMB
#
_entry.id   8YMB
#
_cell.length_a   84.061
_cell.length_b   84.388
_cell.length_c   382.717
_cell.angle_alpha   90.000
_cell.angle_beta   90.000
_cell.angle_gamma   90.000
#
_symmetry.space_group_name_H-M   'C 2 2 21'
#
loop_
_entity.id
_entity.type
_entity.pdbx_description
1 polymer 'Bromodomain-containing protein 4'
2 polymer Elongin-B
3 polymer Elongin-C
4 polymer 'von Hippel-Lindau disease tumor suppressor'
5 non-polymer 'CHLORIDE ION'
6 non-polymer SHD931
7 water water
#
loop_
_entity_poly.entity_id
_entity_poly.type
_entity_poly.pdbx_seq_one_letter_code
_entity_poly.pdbx_strand_id
1 'polypeptide(L)'
;KDVPDSQQHPAPEKSSKVSEQLKCCSGILKEMFAKKHAAYAWPFYKPVDVEALGLHDYCDIIKHPMDMSTIKSKLEAREY
RDAQEFGADVRLMFSNCYKYNPPDHEVVAMARKLQDVFEMRFAKMPDE
;
A,F
2 'polypeptide(L)'
;GSGSMDVFLMIRRHKTTIFTDAKESSTVFELKRIVEGILKRPPDEQRLYKDDQLLDDGKTLGECGFTSQTARPQAPATVG
LAFRADDTFEALCIEPFSSPPELPDVMKPQDSGSSANEQAVQ
;
B,G
3 'polypeptide(L)'
;GSMYVKLISSDGHEFIVKREHALTSGTIKAMLSGPGQFAENETNEVNFREIPSHVLSKVCMYFTYKVRYTNSSTEIPEFP
IAPEIALELLMAANFLDC
;
C,H
4 'polypeptide(L)'
;GSEAGRPRPVLRSVNSREPSQVIFCNRSPRVVLPVWLNFDGEPQPYPTLPPGTGRRIHSYRGHLWLFRDAGTHDGLLVNQ
TELFVPSLNVDGQPIFANITLPVYTLKERCLQVVRSLVKPENYRRLDIVRSLYEDLEDHPNVQKDLERLTQERIAHQRMG
D
;
D,I
#
# COMPACT_ATOMS: atom_id res chain seq x y z
N VAL A 18 -71.32 -25.50 -16.84
CA VAL A 18 -69.91 -25.85 -16.98
C VAL A 18 -69.08 -24.60 -17.16
N SER A 19 -69.54 -23.68 -18.02
CA SER A 19 -68.90 -22.38 -18.13
C SER A 19 -68.97 -21.62 -16.82
N GLU A 20 -70.01 -21.88 -16.02
CA GLU A 20 -70.09 -21.28 -14.68
C GLU A 20 -68.92 -21.74 -13.82
N GLN A 21 -68.49 -23.00 -13.98
CA GLN A 21 -67.40 -23.53 -13.18
C GLN A 21 -66.09 -22.82 -13.50
N LEU A 22 -65.76 -22.73 -14.79
CA LEU A 22 -64.49 -22.10 -15.18
C LEU A 22 -64.47 -20.63 -14.83
N LYS A 23 -65.63 -19.96 -14.87
CA LYS A 23 -65.68 -18.57 -14.42
C LYS A 23 -65.40 -18.48 -12.93
N CYS A 24 -65.95 -19.40 -12.13
CA CYS A 24 -65.65 -19.43 -10.71
C CYS A 24 -64.22 -19.89 -10.44
N CYS A 25 -63.69 -20.77 -11.29
CA CYS A 25 -62.31 -21.21 -11.14
C CYS A 25 -61.34 -20.04 -11.31
N SER A 26 -61.58 -19.20 -12.32
CA SER A 26 -60.73 -18.02 -12.51
C SER A 26 -60.86 -17.06 -11.34
N GLY A 27 -62.06 -16.95 -10.76
CA GLY A 27 -62.24 -16.12 -9.59
C GLY A 27 -61.54 -16.66 -8.36
N ILE A 28 -61.47 -17.98 -8.23
CA ILE A 28 -60.73 -18.58 -7.13
C ILE A 28 -59.24 -18.29 -7.25
N LEU A 29 -58.68 -18.47 -8.45
CA LEU A 29 -57.27 -18.17 -8.66
C LEU A 29 -56.98 -16.69 -8.49
N LYS A 30 -57.93 -15.83 -8.83
CA LYS A 30 -57.74 -14.39 -8.64
C LYS A 30 -57.48 -14.05 -7.18
N GLU A 31 -58.28 -14.62 -6.27
CA GLU A 31 -58.04 -14.37 -4.85
C GLU A 31 -56.73 -14.97 -4.38
N MET A 32 -56.30 -16.09 -4.98
CA MET A 32 -55.03 -16.68 -4.58
C MET A 32 -53.87 -15.75 -4.90
N PHE A 33 -54.01 -14.94 -5.95
CA PHE A 33 -53.00 -13.93 -6.25
C PHE A 33 -53.16 -12.66 -5.42
N ALA A 34 -54.24 -12.53 -4.65
CA ALA A 34 -54.51 -11.30 -3.93
C ALA A 34 -53.43 -11.03 -2.88
N LYS A 35 -53.31 -9.75 -2.50
CA LYS A 35 -52.27 -9.36 -1.55
C LYS A 35 -52.54 -9.90 -0.16
N LYS A 36 -53.80 -10.13 0.19
CA LYS A 36 -54.14 -10.65 1.52
C LYS A 36 -53.50 -12.02 1.77
N HIS A 37 -53.18 -12.77 0.71
CA HIS A 37 -52.49 -14.05 0.81
C HIS A 37 -51.04 -13.96 0.35
N ALA A 38 -50.54 -12.76 0.06
CA ALA A 38 -49.19 -12.61 -0.48
C ALA A 38 -48.12 -13.03 0.50
N ALA A 39 -48.41 -13.02 1.81
CA ALA A 39 -47.40 -13.38 2.80
C ALA A 39 -46.94 -14.81 2.65
N TYR A 40 -47.77 -15.69 2.09
CA TYR A 40 -47.42 -17.09 1.96
C TYR A 40 -47.61 -17.66 0.55
N ALA A 41 -48.16 -16.90 -0.38
CA ALA A 41 -48.43 -17.41 -1.72
C ALA A 41 -47.42 -16.95 -2.76
N TRP A 42 -46.46 -16.11 -2.38
CA TRP A 42 -45.51 -15.59 -3.35
C TRP A 42 -44.58 -16.65 -3.97
N PRO A 43 -44.15 -17.71 -3.29
CA PRO A 43 -43.25 -18.66 -3.96
C PRO A 43 -43.90 -19.45 -5.08
N PHE A 44 -45.23 -19.48 -5.16
CA PHE A 44 -45.94 -20.26 -6.16
C PHE A 44 -46.52 -19.40 -7.28
N TYR A 45 -46.18 -18.10 -7.32
CA TYR A 45 -46.69 -17.25 -8.38
C TYR A 45 -46.09 -17.63 -9.73
N LYS A 46 -44.77 -17.75 -9.80
CA LYS A 46 -44.05 -18.10 -11.02
C LYS A 46 -43.54 -19.54 -10.96
N PRO A 47 -43.15 -20.11 -12.09
CA PRO A 47 -42.60 -21.47 -12.07
C PRO A 47 -41.34 -21.54 -11.23
N VAL A 48 -41.02 -22.77 -10.80
CA VAL A 48 -39.86 -22.99 -9.93
C VAL A 48 -38.59 -22.66 -10.69
N ASP A 49 -37.80 -21.73 -10.15
CA ASP A 49 -36.55 -21.30 -10.77
C ASP A 49 -35.45 -22.18 -10.23
N VAL A 50 -35.17 -23.28 -10.93
CA VAL A 50 -34.14 -24.22 -10.48
C VAL A 50 -32.76 -23.59 -10.54
N GLU A 51 -32.54 -22.67 -11.49
CA GLU A 51 -31.25 -21.99 -11.57
C GLU A 51 -31.08 -21.01 -10.42
N ALA A 52 -32.14 -20.25 -10.11
CA ALA A 52 -32.04 -19.23 -9.06
C ALA A 52 -31.94 -19.86 -7.68
N LEU A 53 -32.64 -20.98 -7.46
CA LEU A 53 -32.62 -21.66 -6.16
C LEU A 53 -31.47 -22.64 -6.01
N GLY A 54 -30.68 -22.86 -7.05
CA GLY A 54 -29.60 -23.83 -6.98
C GLY A 54 -30.05 -25.26 -6.83
N LEU A 55 -31.25 -25.59 -7.28
CA LEU A 55 -31.80 -26.93 -7.16
C LEU A 55 -31.34 -27.77 -8.36
N HIS A 56 -30.52 -28.79 -8.09
CA HIS A 56 -30.06 -29.69 -9.14
C HIS A 56 -30.98 -30.89 -9.33
N ASP A 57 -31.52 -31.44 -8.25
CA ASP A 57 -32.31 -32.66 -8.30
C ASP A 57 -33.81 -32.40 -8.51
N TYR A 58 -34.23 -31.15 -8.62
CA TYR A 58 -35.66 -30.86 -8.68
C TYR A 58 -36.30 -31.44 -9.93
N CYS A 59 -35.69 -31.19 -11.10
CA CYS A 59 -36.26 -31.70 -12.34
C CYS A 59 -36.25 -33.22 -12.38
N ASP A 60 -35.33 -33.84 -11.64
CA ASP A 60 -35.31 -35.30 -11.57
C ASP A 60 -36.43 -35.82 -10.67
N ILE A 61 -36.73 -35.09 -9.59
CA ILE A 61 -37.74 -35.55 -8.64
C ILE A 61 -39.14 -35.15 -9.09
N ILE A 62 -39.30 -33.93 -9.58
CA ILE A 62 -40.61 -33.42 -10.01
C ILE A 62 -40.75 -33.68 -11.50
N LYS A 63 -41.54 -34.70 -11.84
CA LYS A 63 -41.75 -35.05 -13.24
C LYS A 63 -42.66 -34.05 -13.95
N HIS A 64 -43.52 -33.33 -13.21
CA HIS A 64 -44.43 -32.36 -13.80
C HIS A 64 -44.55 -31.15 -12.88
N PRO A 65 -43.81 -30.08 -13.17
CA PRO A 65 -43.91 -28.86 -12.36
C PRO A 65 -45.14 -28.04 -12.73
N MET A 66 -45.62 -27.28 -11.75
CA MET A 66 -46.79 -26.44 -11.93
C MET A 66 -46.75 -25.28 -10.95
N ASP A 67 -47.28 -24.14 -11.38
CA ASP A 67 -47.35 -22.93 -10.55
C ASP A 67 -48.69 -22.25 -10.81
N MET A 68 -48.87 -21.07 -10.21
CA MET A 68 -50.14 -20.36 -10.35
C MET A 68 -50.25 -19.62 -11.68
N SER A 69 -49.14 -19.06 -12.17
CA SER A 69 -49.19 -18.34 -13.44
C SER A 69 -49.43 -19.29 -14.60
N THR A 70 -48.86 -20.51 -14.54
CA THR A 70 -49.11 -21.49 -15.59
C THR A 70 -50.58 -21.87 -15.67
N ILE A 71 -51.26 -21.92 -14.52
CA ILE A 71 -52.70 -22.09 -14.52
C ILE A 71 -53.39 -20.94 -15.23
N LYS A 72 -52.95 -19.71 -14.93
CA LYS A 72 -53.62 -18.53 -15.50
C LYS A 72 -53.55 -18.53 -17.02
N SER A 73 -52.41 -18.91 -17.59
CA SER A 73 -52.31 -18.94 -19.05
C SER A 73 -53.19 -20.03 -19.65
N LYS A 74 -53.20 -21.22 -19.05
CA LYS A 74 -54.06 -22.28 -19.59
C LYS A 74 -55.53 -21.96 -19.39
N LEU A 75 -55.87 -21.29 -18.28
CA LEU A 75 -57.26 -20.89 -18.06
C LEU A 75 -57.69 -19.85 -19.09
N GLU A 76 -56.85 -18.84 -19.33
CA GLU A 76 -57.18 -17.85 -20.35
C GLU A 76 -57.09 -18.44 -21.75
N ALA A 77 -56.23 -19.45 -21.95
CA ALA A 77 -56.15 -20.14 -23.24
C ALA A 77 -57.24 -21.18 -23.41
N ARG A 78 -58.12 -21.34 -22.42
CA ARG A 78 -59.25 -22.28 -22.48
C ARG A 78 -58.78 -23.71 -22.77
N GLU A 79 -57.75 -24.13 -22.04
CA GLU A 79 -57.23 -25.49 -22.16
C GLU A 79 -57.80 -26.45 -21.13
N TYR A 80 -58.47 -25.95 -20.10
CA TYR A 80 -59.07 -26.80 -19.07
C TYR A 80 -60.43 -27.28 -19.56
N ARG A 81 -60.56 -28.60 -19.77
CA ARG A 81 -61.81 -29.15 -20.26
C ARG A 81 -62.94 -28.92 -19.26
N ASP A 82 -62.63 -28.98 -17.97
CA ASP A 82 -63.64 -28.73 -16.94
C ASP A 82 -62.93 -28.26 -15.67
N ALA A 83 -63.72 -28.05 -14.62
CA ALA A 83 -63.16 -27.55 -13.36
C ALA A 83 -62.30 -28.61 -12.68
N GLN A 84 -62.68 -29.89 -12.79
CA GLN A 84 -61.90 -30.96 -12.16
C GLN A 84 -60.48 -30.99 -12.71
N GLU A 85 -60.33 -30.74 -14.01
CA GLU A 85 -58.99 -30.63 -14.60
C GLU A 85 -58.25 -29.43 -14.04
N PHE A 86 -58.95 -28.33 -13.75
CA PHE A 86 -58.29 -27.17 -13.18
C PHE A 86 -57.77 -27.48 -11.78
N GLY A 87 -58.55 -28.21 -10.97
CA GLY A 87 -58.11 -28.52 -9.63
C GLY A 87 -56.94 -29.49 -9.59
N ALA A 88 -56.83 -30.36 -10.60
CA ALA A 88 -55.74 -31.32 -10.62
C ALA A 88 -54.39 -30.61 -10.73
N ASP A 89 -54.32 -29.54 -11.52
CA ASP A 89 -53.07 -28.77 -11.60
C ASP A 89 -52.81 -28.02 -10.31
N VAL A 90 -53.87 -27.49 -9.67
CA VAL A 90 -53.70 -26.83 -8.39
C VAL A 90 -53.14 -27.82 -7.37
N ARG A 91 -53.77 -28.99 -7.27
CA ARG A 91 -53.26 -30.04 -6.38
C ARG A 91 -51.86 -30.48 -6.78
N LEU A 92 -51.61 -30.57 -8.09
CA LEU A 92 -50.27 -30.96 -8.56
C LEU A 92 -49.22 -29.93 -8.13
N MET A 93 -49.59 -28.65 -8.17
CA MET A 93 -48.67 -27.60 -7.74
C MET A 93 -48.29 -27.76 -6.26
N PHE A 94 -49.28 -28.01 -5.41
CA PHE A 94 -48.99 -28.16 -3.98
C PHE A 94 -48.19 -29.44 -3.71
N SER A 95 -48.57 -30.56 -4.33
CA SER A 95 -47.90 -31.83 -4.01
C SER A 95 -46.43 -31.81 -4.38
N ASN A 96 -46.08 -31.14 -5.47
CA ASN A 96 -44.67 -31.03 -5.85
C ASN A 96 -43.89 -30.39 -4.73
N CYS A 97 -44.48 -29.41 -4.05
CA CYS A 97 -43.85 -28.80 -2.88
C CYS A 97 -43.80 -29.78 -1.70
N TYR A 98 -44.81 -30.64 -1.59
CA TYR A 98 -44.83 -31.63 -0.52
C TYR A 98 -43.92 -32.82 -0.84
N LYS A 99 -43.72 -33.12 -2.12
CA LYS A 99 -42.88 -34.26 -2.51
C LYS A 99 -41.40 -33.91 -2.41
N TYR A 100 -41.04 -32.67 -2.74
CA TYR A 100 -39.63 -32.28 -2.80
C TYR A 100 -39.11 -31.76 -1.46
N ASN A 101 -39.97 -31.10 -0.69
CA ASN A 101 -39.50 -30.44 0.56
C ASN A 101 -39.90 -31.24 1.80
N PRO A 102 -39.03 -31.34 2.83
CA PRO A 102 -39.37 -32.02 4.08
C PRO A 102 -40.58 -31.35 4.73
N PRO A 103 -41.32 -32.07 5.57
CA PRO A 103 -42.54 -31.49 6.15
C PRO A 103 -42.27 -30.35 7.12
N ASP A 104 -41.08 -30.27 7.71
CA ASP A 104 -40.77 -29.22 8.68
C ASP A 104 -40.26 -27.94 8.04
N HIS A 105 -40.05 -27.92 6.72
CA HIS A 105 -39.54 -26.72 6.07
C HIS A 105 -40.60 -25.63 5.99
N GLU A 106 -40.13 -24.38 5.86
CA GLU A 106 -41.02 -23.24 5.85
C GLU A 106 -41.94 -23.23 4.62
N VAL A 107 -41.44 -23.71 3.48
CA VAL A 107 -42.22 -23.62 2.25
C VAL A 107 -43.43 -24.55 2.30
N VAL A 108 -43.29 -25.70 2.97
CA VAL A 108 -44.44 -26.61 3.11
C VAL A 108 -45.53 -25.96 3.95
N ALA A 109 -45.14 -25.16 4.97
CA ALA A 109 -46.14 -24.47 5.78
C ALA A 109 -46.91 -23.44 4.96
N MET A 110 -46.22 -22.72 4.07
CA MET A 110 -46.91 -21.75 3.24
C MET A 110 -47.80 -22.43 2.20
N ALA A 111 -47.37 -23.58 1.68
CA ALA A 111 -48.20 -24.29 0.70
C ALA A 111 -49.50 -24.79 1.32
N ARG A 112 -49.46 -25.19 2.60
CA ARG A 112 -50.68 -25.62 3.26
C ARG A 112 -51.63 -24.45 3.49
N LYS A 113 -51.09 -23.29 3.87
CA LYS A 113 -51.96 -22.14 4.13
C LYS A 113 -52.57 -21.59 2.85
N LEU A 114 -51.91 -21.77 1.70
CA LEU A 114 -52.51 -21.39 0.44
C LEU A 114 -53.52 -22.43 -0.02
N GLN A 115 -53.27 -23.71 0.25
CA GLN A 115 -54.21 -24.76 -0.12
C GLN A 115 -55.50 -24.67 0.70
N ASP A 116 -55.41 -24.18 1.94
CA ASP A 116 -56.62 -23.94 2.72
C ASP A 116 -57.49 -22.87 2.06
N VAL A 117 -56.86 -21.86 1.46
CA VAL A 117 -57.60 -20.85 0.72
C VAL A 117 -58.26 -21.47 -0.51
N PHE A 118 -57.55 -22.36 -1.19
CA PHE A 118 -58.09 -22.99 -2.39
C PHE A 118 -59.19 -23.98 -2.05
N GLU A 119 -58.97 -24.83 -1.04
CA GLU A 119 -59.93 -25.88 -0.73
C GLU A 119 -61.25 -25.31 -0.22
N MET A 120 -61.22 -24.18 0.50
CA MET A 120 -62.43 -23.70 1.13
C MET A 120 -63.40 -23.09 0.12
N ARG A 121 -62.88 -22.49 -0.96
CA ARG A 121 -63.72 -21.96 -2.03
C ARG A 121 -63.97 -22.98 -3.13
N PHE A 122 -63.01 -23.84 -3.44
CA PHE A 122 -63.22 -24.87 -4.44
C PHE A 122 -64.35 -25.81 -4.04
N ALA A 123 -64.58 -25.99 -2.73
CA ALA A 123 -65.67 -26.84 -2.29
C ALA A 123 -67.02 -26.15 -2.46
N LYS A 124 -67.07 -24.83 -2.25
CA LYS A 124 -68.30 -24.05 -2.37
C LYS A 124 -68.46 -23.51 -3.80
N MET A 125 -68.65 -24.42 -4.74
CA MET A 125 -68.92 -24.01 -6.13
C MET A 125 -70.24 -23.25 -6.22
N MET B 5 -10.95 3.19 -31.37
CA MET B 5 -10.79 3.79 -30.05
C MET B 5 -9.38 4.34 -29.87
N ASP B 6 -8.86 4.24 -28.66
CA ASP B 6 -7.53 4.74 -28.34
C ASP B 6 -6.51 3.61 -28.45
N VAL B 7 -5.34 3.94 -28.97
CA VAL B 7 -4.24 2.99 -29.10
C VAL B 7 -3.13 3.39 -28.14
N PHE B 8 -2.31 2.42 -27.78
CA PHE B 8 -1.20 2.63 -26.85
C PHE B 8 0.06 2.06 -27.47
N LEU B 9 1.10 2.88 -27.56
CA LEU B 9 2.27 2.58 -28.36
C LEU B 9 3.54 2.58 -27.51
N MET B 10 4.60 2.04 -28.10
CA MET B 10 5.95 2.02 -27.52
C MET B 10 6.91 2.43 -28.62
N ILE B 11 7.23 3.73 -28.69
CA ILE B 11 8.15 4.23 -29.70
C ILE B 11 9.57 3.94 -29.24
N ARG B 12 10.28 3.12 -30.02
CA ARG B 12 11.60 2.62 -29.62
C ARG B 12 12.64 2.98 -30.67
N ARG B 13 13.75 3.54 -30.25
CA ARG B 13 14.89 3.82 -31.10
C ARG B 13 16.07 3.52 -30.24
N HIS B 14 16.84 2.49 -30.56
CA HIS B 14 17.98 2.17 -29.72
C HIS B 14 17.51 1.84 -28.31
N LYS B 15 18.01 2.54 -27.30
CA LYS B 15 17.65 2.26 -25.93
C LYS B 15 16.64 3.21 -25.33
N THR B 16 15.97 3.95 -26.15
CA THR B 16 14.97 4.91 -25.73
C THR B 16 13.58 4.39 -26.07
N THR B 17 12.70 4.34 -25.07
CA THR B 17 11.34 3.84 -25.26
C THR B 17 10.36 4.86 -24.71
N ILE B 18 9.37 5.21 -25.53
CA ILE B 18 8.37 6.21 -25.17
C ILE B 18 7.02 5.52 -25.07
N PHE B 19 6.38 5.63 -23.91
CA PHE B 19 5.05 5.10 -23.69
C PHE B 19 4.08 6.26 -23.88
N THR B 20 3.38 6.28 -25.01
CA THR B 20 2.42 7.32 -25.32
C THR B 20 1.14 6.69 -25.84
N ASP B 21 0.08 7.49 -25.86
CA ASP B 21 -1.21 7.06 -26.36
C ASP B 21 -1.63 7.93 -27.53
N ALA B 22 -2.48 7.37 -28.38
CA ALA B 22 -3.00 8.09 -29.55
C ALA B 22 -4.31 7.42 -29.96
N LYS B 23 -4.79 7.77 -31.14
CA LYS B 23 -6.06 7.27 -31.65
C LYS B 23 -5.83 6.55 -32.98
N GLU B 24 -6.78 5.68 -33.32
CA GLU B 24 -6.74 5.04 -34.64
C GLU B 24 -6.90 6.07 -35.75
N SER B 25 -7.56 7.19 -35.46
CA SER B 25 -7.76 8.24 -36.46
C SER B 25 -6.57 9.18 -36.57
N SER B 26 -5.74 9.27 -35.53
CA SER B 26 -4.58 10.14 -35.59
C SER B 26 -3.58 9.62 -36.61
N THR B 27 -2.94 10.55 -37.32
CA THR B 27 -2.06 10.17 -38.42
C THR B 27 -0.64 9.90 -37.93
N VAL B 28 0.16 9.31 -38.81
CA VAL B 28 1.57 9.07 -38.50
C VAL B 28 2.30 10.39 -38.28
N PHE B 29 1.89 11.45 -38.99
CA PHE B 29 2.53 12.74 -38.82
C PHE B 29 2.24 13.33 -37.45
N GLU B 30 0.99 13.23 -36.98
CA GLU B 30 0.68 13.72 -35.64
C GLU B 30 1.47 12.96 -34.58
N LEU B 31 1.78 11.68 -34.82
CA LEU B 31 2.64 10.95 -33.91
C LEU B 31 4.06 11.51 -33.93
N LYS B 32 4.51 12.03 -35.07
CA LYS B 32 5.82 12.66 -35.13
C LYS B 32 5.83 13.98 -34.39
N ARG B 33 4.70 14.68 -34.35
CA ARG B 33 4.60 15.88 -33.51
C ARG B 33 4.80 15.52 -32.05
N ILE B 34 4.30 14.34 -31.64
CA ILE B 34 4.48 13.89 -30.26
C ILE B 34 5.95 13.60 -29.98
N VAL B 35 6.63 12.91 -30.90
CA VAL B 35 8.06 12.69 -30.74
C VAL B 35 8.82 14.00 -30.87
N GLU B 36 8.26 14.98 -31.59
CA GLU B 36 8.92 16.28 -31.70
C GLU B 36 8.94 17.00 -30.36
N GLY B 37 7.84 16.93 -29.61
CA GLY B 37 7.78 17.63 -28.33
C GLY B 37 8.60 16.98 -27.24
N ILE B 38 8.78 15.66 -27.31
CA ILE B 38 9.49 14.94 -26.26
C ILE B 38 10.98 14.89 -26.52
N LEU B 39 11.40 14.65 -27.76
CA LEU B 39 12.80 14.47 -28.08
C LEU B 39 13.40 15.67 -28.80
N LYS B 40 12.62 16.74 -29.01
CA LYS B 40 13.11 17.97 -29.63
C LYS B 40 13.70 17.70 -31.02
N ARG B 41 13.01 16.86 -31.80
CA ARG B 41 13.45 16.53 -33.16
C ARG B 41 12.23 16.69 -34.06
N PRO B 42 12.28 17.60 -35.05
CA PRO B 42 11.12 17.83 -35.91
C PRO B 42 10.78 16.60 -36.73
N PRO B 43 9.55 16.50 -37.25
CA PRO B 43 9.14 15.29 -37.98
C PRO B 43 10.02 14.95 -39.17
N ASP B 44 10.55 15.96 -39.88
CA ASP B 44 11.39 15.68 -41.04
C ASP B 44 12.71 15.02 -40.68
N GLU B 45 13.07 14.97 -39.40
CA GLU B 45 14.23 14.22 -38.94
C GLU B 45 13.85 12.86 -38.39
N GLN B 46 12.60 12.44 -38.56
CA GLN B 46 12.10 11.21 -38.01
C GLN B 46 11.57 10.30 -39.11
N ARG B 47 11.68 9.00 -38.88
CA ARG B 47 11.05 7.98 -39.71
C ARG B 47 10.41 6.96 -38.79
N LEU B 48 9.11 6.75 -38.92
CA LEU B 48 8.41 5.77 -38.11
C LEU B 48 8.32 4.46 -38.87
N TYR B 49 8.72 3.37 -38.22
CA TYR B 49 8.71 2.03 -38.78
C TYR B 49 7.78 1.14 -37.97
N LYS B 50 7.36 0.04 -38.58
CA LYS B 50 6.53 -0.97 -37.93
C LYS B 50 7.13 -2.33 -38.26
N ASP B 51 8.05 -2.79 -37.40
CA ASP B 51 8.81 -4.03 -37.60
C ASP B 51 9.28 -4.15 -39.05
N ASP B 52 10.22 -3.29 -39.44
CA ASP B 52 10.89 -3.23 -40.74
C ASP B 52 10.03 -2.68 -41.88
N GLN B 53 8.81 -2.20 -41.60
CA GLN B 53 7.94 -1.62 -42.63
C GLN B 53 7.80 -0.13 -42.35
N LEU B 54 8.22 0.70 -43.31
CA LEU B 54 8.20 2.15 -43.12
C LEU B 54 6.77 2.68 -43.14
N LEU B 55 6.51 3.66 -42.28
CA LEU B 55 5.19 4.28 -42.17
C LEU B 55 5.21 5.67 -42.81
N ASP B 56 4.15 5.99 -43.54
CA ASP B 56 4.02 7.26 -44.22
C ASP B 56 3.18 8.23 -43.40
N ASP B 57 3.56 9.51 -43.42
CA ASP B 57 2.95 10.50 -42.54
C ASP B 57 1.47 10.71 -42.83
N GLY B 58 0.99 10.29 -44.00
CA GLY B 58 -0.41 10.53 -44.36
C GLY B 58 -1.39 9.47 -43.95
N LYS B 59 -0.91 8.31 -43.49
CA LYS B 59 -1.78 7.23 -43.08
C LYS B 59 -2.11 7.34 -41.59
N THR B 60 -3.29 6.85 -41.22
CA THR B 60 -3.70 6.81 -39.83
C THR B 60 -3.18 5.55 -39.15
N LEU B 61 -3.13 5.59 -37.82
CA LEU B 61 -2.61 4.46 -37.06
C LEU B 61 -3.47 3.21 -37.26
N GLY B 62 -4.78 3.37 -37.44
CA GLY B 62 -5.62 2.22 -37.71
C GLY B 62 -5.30 1.57 -39.03
N GLU B 63 -5.15 2.39 -40.09
CA GLU B 63 -4.83 1.87 -41.41
C GLU B 63 -3.45 1.24 -41.46
N CYS B 64 -2.54 1.65 -40.56
CA CYS B 64 -1.22 1.03 -40.49
C CYS B 64 -1.26 -0.37 -39.88
N GLY B 65 -2.31 -0.70 -39.15
CA GLY B 65 -2.40 -1.99 -38.47
C GLY B 65 -2.44 -1.90 -36.96
N PHE B 66 -2.41 -0.71 -36.37
CA PHE B 66 -2.52 -0.56 -34.93
C PHE B 66 -3.99 -0.56 -34.56
N THR B 67 -4.40 -1.55 -33.77
CA THR B 67 -5.79 -1.74 -33.41
C THR B 67 -5.97 -1.48 -31.91
N SER B 68 -7.19 -1.08 -31.55
CA SER B 68 -7.54 -0.99 -30.12
C SER B 68 -7.36 -2.33 -29.43
N GLN B 69 -7.53 -3.44 -30.16
CA GLN B 69 -7.36 -4.76 -29.59
C GLN B 69 -5.90 -5.14 -29.41
N THR B 70 -5.02 -4.67 -30.30
CA THR B 70 -3.61 -5.04 -30.28
C THR B 70 -2.70 -3.97 -29.70
N ALA B 71 -3.25 -2.82 -29.30
CA ALA B 71 -2.47 -1.75 -28.69
C ALA B 71 -3.14 -1.37 -27.36
N ARG B 72 -3.14 -2.32 -26.43
CA ARG B 72 -3.75 -2.16 -25.12
C ARG B 72 -2.73 -1.62 -24.12
N PRO B 73 -3.20 -0.97 -23.04
CA PRO B 73 -2.25 -0.42 -22.06
C PRO B 73 -1.34 -1.46 -21.43
N GLN B 74 -1.84 -2.67 -21.20
CA GLN B 74 -1.03 -3.73 -20.60
C GLN B 74 -0.03 -4.33 -21.57
N ALA B 75 -0.27 -4.22 -22.88
CA ALA B 75 0.64 -4.73 -23.90
C ALA B 75 0.63 -3.77 -25.09
N PRO B 76 1.39 -2.68 -24.99
CA PRO B 76 1.40 -1.70 -26.08
C PRO B 76 2.09 -2.24 -27.32
N ALA B 77 1.70 -1.68 -28.47
CA ALA B 77 2.34 -2.05 -29.73
C ALA B 77 3.59 -1.22 -29.94
N THR B 78 4.63 -1.86 -30.46
CA THR B 78 5.92 -1.21 -30.64
C THR B 78 5.97 -0.48 -31.98
N VAL B 79 6.48 0.75 -31.96
CA VAL B 79 6.65 1.57 -33.15
C VAL B 79 8.13 1.86 -33.32
N GLY B 80 8.68 1.43 -34.45
CA GLY B 80 10.09 1.70 -34.71
C GLY B 80 10.34 3.17 -34.95
N LEU B 81 11.57 3.60 -34.66
CA LEU B 81 11.95 4.99 -34.81
C LEU B 81 13.41 5.06 -35.20
N ALA B 82 13.70 5.91 -36.19
CA ALA B 82 15.07 6.16 -36.61
C ALA B 82 15.26 7.67 -36.78
N PHE B 83 16.48 8.13 -36.52
CA PHE B 83 16.82 9.53 -36.58
C PHE B 83 17.77 9.82 -37.74
N ARG B 84 17.67 11.04 -38.26
CA ARG B 84 18.52 11.48 -39.34
C ARG B 84 19.90 11.85 -38.81
N ALA B 85 20.90 11.20 -39.37
CA ALA B 85 22.27 11.46 -39.04
C ALA B 85 22.79 12.52 -39.99
N ASP B 86 22.64 13.79 -39.60
CA ASP B 86 23.09 14.90 -40.40
C ASP B 86 22.74 14.71 -41.85
N ASP B 87 23.63 14.07 -42.58
CA ASP B 87 23.45 13.82 -43.99
C ASP B 87 22.20 13.02 -44.28
N THR B 88 22.19 11.76 -43.84
CA THR B 88 21.05 10.92 -44.09
C THR B 88 20.54 10.20 -42.86
N PHE B 89 19.51 9.38 -43.05
CA PHE B 89 18.91 8.65 -41.95
C PHE B 89 19.80 7.50 -41.49
N GLU B 90 19.77 7.22 -40.19
CA GLU B 90 20.48 6.08 -39.64
C GLU B 90 19.65 4.80 -39.80
N ALA B 91 20.32 3.67 -39.71
CA ALA B 91 19.62 2.39 -39.78
C ALA B 91 18.79 2.18 -38.52
N LEU B 92 17.59 1.64 -38.70
CA LEU B 92 16.71 1.35 -37.59
C LEU B 92 17.32 0.29 -36.68
N CYS B 93 17.73 0.69 -35.47
CA CYS B 93 18.33 -0.22 -34.51
C CYS B 93 17.58 -0.08 -33.19
N ILE B 94 16.89 -1.14 -32.79
CA ILE B 94 16.15 -1.17 -31.52
C ILE B 94 16.85 -2.17 -30.63
N GLU B 95 17.54 -1.68 -29.61
CA GLU B 95 18.28 -2.55 -28.71
C GLU B 95 17.32 -3.35 -27.84
N PRO B 96 17.45 -4.67 -27.79
CA PRO B 96 16.48 -5.48 -27.04
C PRO B 96 16.67 -5.34 -25.55
N PHE B 97 15.57 -5.51 -24.83
CA PHE B 97 15.60 -5.45 -23.37
C PHE B 97 16.36 -6.65 -22.80
N SER B 98 16.65 -6.58 -21.50
CA SER B 98 17.37 -7.64 -20.84
C SER B 98 16.53 -8.91 -20.79
N SER B 99 17.17 -10.02 -20.43
CA SER B 99 16.48 -11.29 -20.43
C SER B 99 16.17 -11.73 -19.00
N PRO B 100 15.03 -12.38 -18.77
CA PRO B 100 14.74 -12.87 -17.43
C PRO B 100 15.64 -14.05 -17.09
N PRO B 101 15.96 -14.25 -15.81
CA PRO B 101 16.77 -15.40 -15.42
C PRO B 101 15.97 -16.70 -15.54
N GLU B 102 16.66 -17.82 -15.33
CA GLU B 102 16.02 -19.12 -15.38
C GLU B 102 14.93 -19.20 -14.30
N LEU B 103 13.83 -19.86 -14.63
CA LEU B 103 12.75 -19.97 -13.72
C LEU B 103 13.18 -20.76 -12.52
N PRO B 104 12.72 -20.29 -11.31
CA PRO B 104 13.18 -21.05 -10.14
C PRO B 104 12.73 -22.50 -10.10
N ASP B 105 13.33 -23.30 -9.23
CA ASP B 105 12.93 -24.71 -9.16
C ASP B 105 11.53 -24.85 -8.59
N VAL B 106 11.21 -24.11 -7.53
CA VAL B 106 9.92 -24.25 -6.85
C VAL B 106 8.78 -23.51 -7.55
N MET B 107 9.04 -22.78 -8.63
CA MET B 107 7.97 -22.12 -9.36
C MET B 107 7.39 -23.06 -10.41
N LYS B 108 6.11 -22.87 -10.68
CA LYS B 108 5.30 -23.75 -11.54
C LYS B 108 5.15 -25.13 -10.91
N SER C 2 1.16 16.11 -20.44
CA SER C 2 1.99 17.24 -20.84
C SER C 2 3.46 16.95 -20.58
N MET C 3 3.89 17.12 -19.34
CA MET C 3 5.28 16.87 -18.98
C MET C 3 5.58 15.37 -18.97
N TYR C 4 6.78 15.01 -19.41
CA TYR C 4 7.23 13.63 -19.44
C TYR C 4 8.44 13.46 -18.52
N VAL C 5 8.71 12.22 -18.15
CA VAL C 5 9.79 11.89 -17.23
C VAL C 5 10.56 10.69 -17.78
N LYS C 6 11.87 10.68 -17.54
CA LYS C 6 12.76 9.66 -18.03
C LYS C 6 13.12 8.70 -16.90
N LEU C 7 12.84 7.41 -17.09
CA LEU C 7 13.17 6.38 -16.12
C LEU C 7 14.25 5.50 -16.73
N ILE C 8 15.43 5.50 -16.15
CA ILE C 8 16.58 4.76 -16.66
C ILE C 8 16.71 3.46 -15.89
N SER C 9 16.85 2.35 -16.62
CA SER C 9 17.00 1.04 -15.99
C SER C 9 18.46 0.84 -15.60
N SER C 10 18.79 -0.37 -15.13
CA SER C 10 20.15 -0.67 -14.71
C SER C 10 21.08 -0.91 -15.89
N ASP C 11 20.54 -1.31 -17.04
CA ASP C 11 21.33 -1.58 -18.24
C ASP C 11 21.23 -0.48 -19.27
N GLY C 12 21.01 0.76 -18.83
CA GLY C 12 21.08 1.92 -19.70
C GLY C 12 19.86 2.21 -20.54
N HIS C 13 18.79 1.44 -20.39
CA HIS C 13 17.58 1.70 -21.17
C HIS C 13 16.81 2.89 -20.59
N GLU C 14 16.44 3.82 -21.46
CA GLU C 14 15.68 4.99 -21.06
C GLU C 14 14.21 4.78 -21.39
N PHE C 15 13.34 5.08 -20.42
CA PHE C 15 11.89 4.92 -20.57
C PHE C 15 11.23 6.26 -20.27
N ILE C 16 10.68 6.88 -21.32
CA ILE C 16 10.02 8.17 -21.19
C ILE C 16 8.52 7.93 -21.07
N VAL C 17 7.96 8.28 -19.91
CA VAL C 17 6.53 8.13 -19.65
C VAL C 17 5.99 9.47 -19.17
N LYS C 18 4.66 9.53 -19.05
CA LYS C 18 4.02 10.74 -18.57
C LYS C 18 4.31 10.95 -17.08
N ARG C 19 4.31 12.21 -16.66
CA ARG C 19 4.61 12.52 -15.26
C ARG C 19 3.54 11.97 -14.33
N GLU C 20 2.27 12.17 -14.67
CA GLU C 20 1.18 11.66 -13.83
C GLU C 20 1.22 10.14 -13.76
N HIS C 21 1.56 9.48 -14.87
CA HIS C 21 1.57 8.03 -14.87
C HIS C 21 2.69 7.47 -14.00
N ALA C 22 3.87 8.10 -14.03
CA ALA C 22 4.98 7.62 -13.24
C ALA C 22 4.75 7.84 -11.75
N LEU C 23 3.92 8.83 -11.38
CA LEU C 23 3.67 9.11 -9.97
C LEU C 23 2.83 8.04 -9.29
N THR C 24 2.35 7.03 -10.03
CA THR C 24 1.72 5.88 -9.38
C THR C 24 2.70 5.18 -8.45
N SER C 25 3.99 5.23 -8.77
CA SER C 25 5.03 4.71 -7.89
C SER C 25 5.29 5.70 -6.78
N GLY C 26 5.09 5.28 -5.53
CA GLY C 26 5.39 6.15 -4.41
C GLY C 26 6.86 6.52 -4.35
N THR C 27 7.73 5.58 -4.72
CA THR C 27 9.16 5.88 -4.76
C THR C 27 9.45 7.03 -5.71
N ILE C 28 8.92 6.95 -6.93
CA ILE C 28 9.14 8.01 -7.91
C ILE C 28 8.51 9.31 -7.43
N LYS C 29 7.33 9.23 -6.81
CA LYS C 29 6.68 10.44 -6.29
C LYS C 29 7.51 11.07 -5.19
N ALA C 30 8.20 10.28 -4.38
CA ALA C 30 9.07 10.81 -3.34
C ALA C 30 10.31 11.48 -3.92
N MET C 31 10.62 11.27 -5.19
CA MET C 31 11.82 11.81 -5.82
C MET C 31 11.56 13.04 -6.67
N LEU C 32 10.33 13.24 -7.16
CA LEU C 32 10.06 14.30 -8.11
C LEU C 32 8.93 15.20 -7.61
N SER C 33 8.94 16.44 -8.13
CA SER C 33 7.96 17.46 -7.80
C SER C 33 6.59 17.19 -8.43
N THR C 43 17.74 16.79 -16.11
CA THR C 43 16.29 16.96 -16.25
C THR C 43 15.53 16.16 -15.19
N ASN C 44 14.21 16.14 -15.32
CA ASN C 44 13.36 15.32 -14.45
C ASN C 44 13.51 13.87 -14.87
N GLU C 45 14.37 13.14 -14.16
CA GLU C 45 14.70 11.77 -14.52
C GLU C 45 15.10 11.00 -13.27
N VAL C 46 14.78 9.71 -13.26
CA VAL C 46 15.10 8.83 -12.14
C VAL C 46 15.89 7.65 -12.67
N ASN C 47 16.99 7.34 -12.02
CA ASN C 47 17.90 6.28 -12.45
C ASN C 47 17.84 5.15 -11.43
N PHE C 48 17.42 3.97 -11.88
CA PHE C 48 17.35 2.78 -11.04
C PHE C 48 18.51 1.86 -11.39
N ARG C 49 19.38 1.62 -10.43
CA ARG C 49 20.54 0.78 -10.65
C ARG C 49 20.28 -0.69 -10.32
N GLU C 50 19.10 -1.02 -9.80
CA GLU C 50 18.77 -2.39 -9.43
C GLU C 50 17.53 -2.91 -10.14
N ILE C 51 17.06 -2.24 -11.19
CA ILE C 51 15.91 -2.67 -11.96
C ILE C 51 16.32 -2.78 -13.42
N PRO C 52 16.31 -3.98 -14.00
CA PRO C 52 16.71 -4.12 -15.41
C PRO C 52 15.63 -3.62 -16.36
N SER C 53 15.99 -3.63 -17.65
CA SER C 53 15.15 -3.02 -18.67
C SER C 53 13.84 -3.78 -18.86
N HIS C 54 13.92 -5.12 -18.95
CA HIS C 54 12.70 -5.89 -19.17
C HIS C 54 11.76 -5.82 -17.98
N VAL C 55 12.26 -5.51 -16.78
CA VAL C 55 11.37 -5.36 -15.64
C VAL C 55 10.80 -3.95 -15.59
N LEU C 56 11.65 -2.94 -15.82
CA LEU C 56 11.17 -1.55 -15.78
C LEU C 56 10.18 -1.26 -16.90
N SER C 57 10.31 -1.94 -18.03
CA SER C 57 9.35 -1.78 -19.11
C SER C 57 7.97 -2.28 -18.70
N LYS C 58 7.91 -3.47 -18.09
CA LYS C 58 6.64 -4.02 -17.63
C LYS C 58 6.01 -3.10 -16.58
N VAL C 59 6.83 -2.43 -15.77
CA VAL C 59 6.30 -1.51 -14.77
C VAL C 59 5.65 -0.30 -15.44
N CYS C 60 6.31 0.26 -16.47
CA CYS C 60 5.73 1.39 -17.18
C CYS C 60 4.41 1.01 -17.85
N MET C 61 4.25 -0.25 -18.25
CA MET C 61 2.97 -0.69 -18.78
C MET C 61 1.90 -0.70 -17.70
N TYR C 62 2.29 -1.04 -16.46
CA TYR C 62 1.31 -1.02 -15.38
C TYR C 62 0.85 0.40 -15.07
N PHE C 63 1.75 1.37 -15.18
CA PHE C 63 1.35 2.77 -14.98
C PHE C 63 0.25 3.15 -15.96
N THR C 64 0.41 2.81 -17.24
CA THR C 64 -0.63 3.06 -18.22
C THR C 64 -1.88 2.25 -17.92
N TYR C 65 -1.70 1.00 -17.47
CA TYR C 65 -2.84 0.16 -17.14
C TYR C 65 -3.62 0.73 -15.97
N LYS C 66 -2.92 1.31 -14.98
CA LYS C 66 -3.59 1.81 -13.80
C LYS C 66 -4.34 3.10 -14.10
N VAL C 67 -3.67 4.05 -14.76
CA VAL C 67 -4.30 5.34 -15.04
C VAL C 67 -5.53 5.18 -15.93
N ARG C 68 -5.50 4.21 -16.84
CA ARG C 68 -6.63 4.02 -17.76
C ARG C 68 -7.85 3.47 -17.01
N TYR C 69 -7.67 2.37 -16.27
CA TYR C 69 -8.81 1.64 -15.71
C TYR C 69 -9.16 2.04 -14.28
N THR C 70 -8.47 3.02 -13.69
CA THR C 70 -8.88 3.54 -12.40
C THR C 70 -10.07 4.47 -12.58
N ASN C 71 -11.08 4.33 -11.73
CA ASN C 71 -12.36 5.02 -11.86
C ASN C 71 -13.07 4.67 -13.16
N SER C 72 -12.77 3.50 -13.72
CA SER C 72 -13.38 3.07 -14.98
C SER C 72 -14.68 2.33 -14.72
N SER C 73 -15.59 2.42 -15.70
CA SER C 73 -16.87 1.73 -15.65
C SER C 73 -16.92 0.52 -16.56
N THR C 74 -15.89 0.29 -17.37
CA THR C 74 -15.86 -0.87 -18.26
C THR C 74 -15.42 -2.11 -17.48
N GLU C 75 -15.37 -3.24 -18.18
CA GLU C 75 -14.80 -4.45 -17.59
C GLU C 75 -13.29 -4.31 -17.62
N ILE C 76 -12.65 -4.60 -16.49
CA ILE C 76 -11.21 -4.40 -16.35
C ILE C 76 -10.47 -5.69 -16.68
N PRO C 77 -9.53 -5.67 -17.61
CA PRO C 77 -8.78 -6.89 -17.92
C PRO C 77 -7.70 -7.18 -16.88
N GLU C 78 -7.33 -8.46 -16.82
CA GLU C 78 -6.26 -8.88 -15.93
C GLU C 78 -4.92 -8.34 -16.42
N PHE C 79 -4.10 -7.89 -15.49
CA PHE C 79 -2.77 -7.44 -15.85
C PHE C 79 -1.87 -8.65 -16.06
N PRO C 80 -1.37 -8.89 -17.27
CA PRO C 80 -0.59 -10.11 -17.52
C PRO C 80 0.76 -10.04 -16.83
N ILE C 81 1.19 -11.19 -16.30
CA ILE C 81 2.50 -11.32 -15.67
C ILE C 81 3.08 -12.66 -16.07
N ALA C 82 4.25 -12.63 -16.71
CA ALA C 82 4.90 -13.89 -17.08
C ALA C 82 5.53 -14.53 -15.85
N PRO C 83 5.48 -15.86 -15.74
CA PRO C 83 6.09 -16.51 -14.57
C PRO C 83 7.59 -16.30 -14.49
N GLU C 84 8.24 -16.04 -15.63
CA GLU C 84 9.68 -15.83 -15.64
C GLU C 84 10.10 -14.46 -15.11
N ILE C 85 9.15 -13.56 -14.86
CA ILE C 85 9.47 -12.24 -14.34
C ILE C 85 8.66 -11.94 -13.09
N ALA C 86 7.96 -12.96 -12.56
CA ALA C 86 7.10 -12.74 -11.40
C ALA C 86 7.91 -12.27 -10.20
N LEU C 87 9.04 -12.92 -9.93
CA LEU C 87 9.86 -12.52 -8.78
C LEU C 87 10.47 -11.14 -9.01
N GLU C 88 11.05 -10.91 -10.19
CA GLU C 88 11.67 -9.61 -10.45
C GLU C 88 10.64 -8.50 -10.46
N LEU C 89 9.46 -8.74 -11.04
CA LEU C 89 8.43 -7.71 -11.07
C LEU C 89 7.88 -7.46 -9.67
N LEU C 90 7.76 -8.51 -8.85
CA LEU C 90 7.32 -8.33 -7.48
C LEU C 90 8.31 -7.47 -6.71
N MET C 91 9.61 -7.74 -6.86
CA MET C 91 10.62 -6.98 -6.13
C MET C 91 10.63 -5.52 -6.56
N ALA C 92 10.46 -5.26 -7.85
CA ALA C 92 10.38 -3.88 -8.31
C ALA C 92 9.12 -3.19 -7.79
N ALA C 93 7.99 -3.89 -7.82
CA ALA C 93 6.75 -3.32 -7.34
C ALA C 93 6.83 -2.99 -5.85
N ASN C 94 7.51 -3.85 -5.08
CA ASN C 94 7.67 -3.59 -3.65
C ASN C 94 8.59 -2.41 -3.41
N PHE C 95 9.65 -2.28 -4.21
CA PHE C 95 10.57 -1.17 -4.04
C PHE C 95 10.00 0.15 -4.54
N LEU C 96 9.12 0.11 -5.54
CA LEU C 96 8.57 1.33 -6.12
C LEU C 96 7.30 1.80 -5.41
N ASP C 97 6.66 0.93 -4.63
CA ASP C 97 5.40 1.23 -3.96
C ASP C 97 4.32 1.63 -4.98
N CYS C 98 4.03 0.67 -5.87
CA CYS C 98 3.00 0.85 -6.88
C CYS C 98 2.17 -0.42 -7.02
N PRO D 9 -22.29 -7.83 15.35
CA PRO D 9 -21.51 -7.09 14.34
C PRO D 9 -22.34 -6.06 13.60
N VAL D 10 -21.67 -5.08 12.99
CA VAL D 10 -22.36 -3.96 12.38
C VAL D 10 -22.82 -4.30 10.96
N LEU D 11 -21.93 -4.88 10.16
CA LEU D 11 -22.26 -5.24 8.78
C LEU D 11 -22.99 -6.58 8.77
N ARG D 12 -24.31 -6.52 8.63
CA ARG D 12 -25.13 -7.73 8.67
C ARG D 12 -26.39 -7.50 7.85
N SER D 13 -27.07 -8.59 7.51
CA SER D 13 -28.30 -8.53 6.75
C SER D 13 -29.48 -8.36 7.70
N VAL D 14 -30.53 -7.71 7.19
CA VAL D 14 -31.76 -7.53 7.95
C VAL D 14 -32.72 -8.67 7.61
N ASN D 15 -33.36 -9.21 8.64
CA ASN D 15 -34.30 -10.32 8.46
C ASN D 15 -35.65 -9.76 8.01
N SER D 16 -35.66 -9.25 6.78
CA SER D 16 -36.87 -8.64 6.23
C SER D 16 -37.84 -9.67 5.67
N ARG D 17 -37.31 -10.79 5.16
CA ARG D 17 -38.12 -11.85 4.54
C ARG D 17 -38.94 -11.32 3.36
N GLU D 18 -38.46 -10.25 2.72
CA GLU D 18 -39.13 -9.69 1.56
C GLU D 18 -38.35 -10.08 0.31
N PRO D 19 -38.88 -10.93 -0.56
CA PRO D 19 -38.09 -11.44 -1.69
C PRO D 19 -37.77 -10.34 -2.70
N SER D 20 -36.68 -10.57 -3.43
CA SER D 20 -36.23 -9.64 -4.47
C SER D 20 -35.34 -10.40 -5.45
N GLN D 21 -35.69 -10.35 -6.72
CA GLN D 21 -34.93 -11.06 -7.74
C GLN D 21 -33.66 -10.30 -8.10
N VAL D 22 -32.55 -11.03 -8.20
CA VAL D 22 -31.24 -10.46 -8.46
C VAL D 22 -30.51 -11.35 -9.45
N ILE D 23 -29.73 -10.74 -10.35
CA ILE D 23 -28.92 -11.45 -11.31
C ILE D 23 -27.45 -11.24 -10.96
N PHE D 24 -26.70 -12.34 -10.82
CA PHE D 24 -25.27 -12.31 -10.57
C PHE D 24 -24.54 -12.48 -11.89
N CYS D 25 -23.85 -11.44 -12.34
CA CYS D 25 -23.14 -11.45 -13.61
C CYS D 25 -21.63 -11.46 -13.34
N ASN D 26 -20.95 -12.49 -13.82
CA ASN D 26 -19.51 -12.64 -13.63
C ASN D 26 -18.80 -12.10 -14.88
N ARG D 27 -18.32 -10.87 -14.79
CA ARG D 27 -17.55 -10.23 -15.84
C ARG D 27 -16.05 -10.39 -15.64
N SER D 28 -15.63 -11.22 -14.66
CA SER D 28 -14.23 -11.45 -14.33
C SER D 28 -13.72 -12.74 -14.96
N PRO D 29 -12.43 -12.84 -15.23
CA PRO D 29 -11.89 -14.05 -15.87
C PRO D 29 -11.74 -15.24 -14.95
N ARG D 30 -12.11 -15.12 -13.68
CA ARG D 30 -11.92 -16.18 -12.71
C ARG D 30 -13.26 -16.60 -12.10
N VAL D 31 -13.25 -17.74 -11.43
CA VAL D 31 -14.44 -18.22 -10.74
C VAL D 31 -14.72 -17.30 -9.55
N VAL D 32 -15.96 -16.81 -9.46
CA VAL D 32 -16.36 -15.86 -8.42
C VAL D 32 -17.05 -16.63 -7.31
N LEU D 33 -16.66 -16.35 -6.08
CA LEU D 33 -17.29 -16.93 -4.90
C LEU D 33 -18.21 -15.89 -4.26
N PRO D 34 -19.52 -15.97 -4.46
CA PRO D 34 -20.42 -15.03 -3.76
C PRO D 34 -20.49 -15.36 -2.28
N VAL D 35 -20.35 -14.34 -1.44
CA VAL D 35 -20.40 -14.49 0.00
C VAL D 35 -21.57 -13.68 0.54
N TRP D 36 -22.38 -14.29 1.39
CA TRP D 36 -23.51 -13.64 2.02
C TRP D 36 -23.23 -13.43 3.50
N LEU D 37 -23.51 -12.22 3.98
CA LEU D 37 -23.37 -11.88 5.39
C LEU D 37 -24.73 -12.07 6.06
N ASN D 38 -24.80 -12.98 7.03
CA ASN D 38 -26.06 -13.34 7.66
C ASN D 38 -26.49 -12.24 8.63
N PHE D 39 -27.52 -12.53 9.42
CA PHE D 39 -28.08 -11.57 10.36
C PHE D 39 -27.24 -11.40 11.61
N ASP D 40 -26.24 -12.25 11.83
CA ASP D 40 -25.26 -12.08 12.89
C ASP D 40 -23.96 -11.49 12.38
N GLY D 41 -23.90 -11.12 11.09
CA GLY D 41 -22.72 -10.52 10.52
C GLY D 41 -21.68 -11.49 9.99
N GLU D 42 -21.90 -12.80 10.15
CA GLU D 42 -20.90 -13.79 9.77
C GLU D 42 -20.96 -14.04 8.25
N PRO D 43 -19.80 -14.18 7.61
CA PRO D 43 -19.81 -14.49 6.18
C PRO D 43 -20.08 -15.96 5.92
N GLN D 44 -20.93 -16.23 4.94
CA GLN D 44 -21.31 -17.58 4.57
C GLN D 44 -21.12 -17.74 3.06
N PRO D 45 -20.39 -18.76 2.62
CA PRO D 45 -20.17 -18.92 1.17
C PRO D 45 -21.37 -19.53 0.46
N TYR D 46 -21.48 -19.19 -0.81
CA TYR D 46 -22.54 -19.63 -1.69
C TYR D 46 -21.93 -20.21 -2.96
N PRO D 47 -22.69 -21.00 -3.73
CA PRO D 47 -22.12 -21.65 -4.92
C PRO D 47 -21.38 -20.67 -5.83
N THR D 48 -20.31 -21.15 -6.45
CA THR D 48 -19.42 -20.31 -7.22
C THR D 48 -20.01 -19.99 -8.59
N LEU D 49 -19.37 -19.07 -9.30
CA LEU D 49 -19.83 -18.62 -10.61
C LEU D 49 -18.70 -18.77 -11.62
N PRO D 50 -18.89 -19.52 -12.70
CA PRO D 50 -17.85 -19.60 -13.73
C PRO D 50 -17.68 -18.26 -14.44
N PRO D 51 -16.49 -17.99 -14.98
CA PRO D 51 -16.29 -16.71 -15.68
C PRO D 51 -17.14 -16.60 -16.93
N GLY D 52 -17.66 -15.40 -17.16
CA GLY D 52 -18.49 -15.15 -18.32
C GLY D 52 -19.83 -15.85 -18.29
N THR D 53 -20.42 -16.01 -17.11
CA THR D 53 -21.72 -16.64 -16.95
C THR D 53 -22.54 -15.86 -15.94
N GLY D 54 -23.84 -15.81 -16.19
CA GLY D 54 -24.76 -15.14 -15.29
C GLY D 54 -25.97 -16.01 -15.01
N ARG D 55 -26.51 -15.84 -13.81
CA ARG D 55 -27.67 -16.63 -13.40
C ARG D 55 -28.55 -15.82 -12.47
N ARG D 56 -29.85 -16.08 -12.55
CA ARG D 56 -30.80 -15.47 -11.65
C ARG D 56 -30.56 -15.96 -10.22
N ILE D 57 -30.79 -15.06 -9.26
CA ILE D 57 -30.55 -15.35 -7.84
C ILE D 57 -31.71 -14.80 -7.03
N HIS D 58 -32.26 -15.63 -6.13
CA HIS D 58 -33.33 -15.22 -5.25
C HIS D 58 -32.74 -14.81 -3.90
N SER D 59 -32.94 -13.56 -3.52
CA SER D 59 -32.45 -13.04 -2.25
C SER D 59 -33.55 -12.16 -1.66
N TYR D 60 -33.18 -11.30 -0.71
CA TYR D 60 -34.16 -10.48 -0.01
C TYR D 60 -33.62 -9.07 0.17
N ARG D 61 -34.53 -8.15 0.41
CA ARG D 61 -34.16 -6.74 0.54
C ARG D 61 -33.34 -6.52 1.80
N GLY D 62 -32.28 -5.71 1.67
CA GLY D 62 -31.46 -5.38 2.81
C GLY D 62 -30.41 -6.41 3.18
N HIS D 63 -30.11 -7.34 2.30
CA HIS D 63 -29.09 -8.34 2.58
C HIS D 63 -27.74 -7.90 2.03
N LEU D 64 -26.68 -8.29 2.73
CA LEU D 64 -25.32 -7.93 2.34
C LEU D 64 -24.71 -9.01 1.47
N TRP D 65 -23.92 -8.59 0.48
CA TRP D 65 -23.24 -9.50 -0.43
C TRP D 65 -21.88 -8.93 -0.80
N LEU D 66 -20.86 -9.80 -0.78
CA LEU D 66 -19.53 -9.46 -1.25
C LEU D 66 -18.98 -10.65 -2.04
N PHE D 67 -18.19 -10.34 -3.05
CA PHE D 67 -17.74 -11.33 -4.03
C PHE D 67 -16.23 -11.47 -4.00
N ARG D 68 -15.75 -12.71 -4.09
CA ARG D 68 -14.34 -13.03 -3.93
C ARG D 68 -13.86 -13.87 -5.11
N ASP D 69 -12.59 -13.66 -5.47
CA ASP D 69 -11.94 -14.49 -6.48
C ASP D 69 -11.64 -15.87 -5.89
N ALA D 70 -12.11 -16.93 -6.57
CA ALA D 70 -11.88 -18.27 -6.07
C ALA D 70 -10.45 -18.74 -6.23
N GLY D 71 -9.61 -18.01 -6.95
CA GLY D 71 -8.24 -18.42 -7.15
C GLY D 71 -7.26 -17.60 -6.35
N THR D 72 -7.34 -16.27 -6.48
CA THR D 72 -6.45 -15.37 -5.77
C THR D 72 -6.93 -15.04 -4.36
N HIS D 73 -8.13 -15.47 -3.99
CA HIS D 73 -8.75 -15.19 -2.70
C HIS D 73 -8.93 -13.69 -2.43
N ASP D 74 -8.66 -12.85 -3.42
CA ASP D 74 -8.82 -11.42 -3.28
C ASP D 74 -10.26 -11.01 -3.58
N GLY D 75 -10.66 -9.89 -3.01
CA GLY D 75 -12.00 -9.38 -3.24
C GLY D 75 -12.20 -8.89 -4.66
N LEU D 76 -13.45 -8.87 -5.09
CA LEU D 76 -13.83 -8.39 -6.40
C LEU D 76 -14.89 -7.30 -6.26
N LEU D 77 -15.04 -6.51 -7.32
CA LEU D 77 -16.00 -5.42 -7.33
C LEU D 77 -17.36 -5.92 -7.79
N VAL D 78 -18.40 -5.34 -7.23
CA VAL D 78 -19.77 -5.57 -7.66
C VAL D 78 -20.44 -4.22 -7.80
N ASN D 79 -20.80 -3.85 -9.03
CA ASN D 79 -21.34 -2.52 -9.34
C ASN D 79 -20.38 -1.43 -8.88
N GLN D 80 -19.09 -1.62 -9.16
CA GLN D 80 -18.04 -0.64 -8.86
C GLN D 80 -17.97 -0.31 -7.37
N THR D 81 -18.22 -1.31 -6.53
CA THR D 81 -18.05 -1.15 -5.08
C THR D 81 -17.86 -2.52 -4.47
N GLU D 82 -17.52 -2.53 -3.17
CA GLU D 82 -17.18 -3.77 -2.49
C GLU D 82 -18.41 -4.55 -2.06
N LEU D 83 -19.43 -3.86 -1.54
CA LEU D 83 -20.62 -4.52 -1.04
C LEU D 83 -21.80 -4.32 -2.00
N PHE D 84 -22.75 -5.24 -1.91
CA PHE D 84 -23.96 -5.22 -2.72
C PHE D 84 -25.16 -5.53 -1.83
N VAL D 85 -26.24 -4.78 -2.03
CA VAL D 85 -27.46 -4.94 -1.26
C VAL D 85 -28.64 -4.98 -2.23
N PRO D 86 -29.44 -6.05 -2.26
CA PRO D 86 -30.60 -6.07 -3.14
C PRO D 86 -31.69 -5.13 -2.63
N SER D 87 -32.12 -4.22 -3.48
CA SER D 87 -33.26 -3.38 -3.15
C SER D 87 -34.55 -4.07 -3.57
N LEU D 88 -35.68 -3.52 -3.14
CA LEU D 88 -36.97 -4.06 -3.54
C LEU D 88 -37.15 -3.82 -5.04
N ASN D 89 -37.30 -4.91 -5.80
CA ASN D 89 -37.42 -4.80 -7.25
C ASN D 89 -38.69 -4.02 -7.61
N VAL D 90 -38.53 -3.03 -8.47
CA VAL D 90 -39.61 -2.13 -8.86
C VAL D 90 -40.19 -2.59 -10.19
N ASP D 91 -41.52 -2.61 -10.28
CA ASP D 91 -42.24 -2.98 -11.51
C ASP D 91 -41.83 -4.36 -12.01
N GLY D 92 -41.41 -5.23 -11.09
CA GLY D 92 -40.91 -6.53 -11.49
C GLY D 92 -39.62 -6.47 -12.29
N GLN D 93 -38.81 -5.43 -12.10
CA GLN D 93 -37.59 -5.27 -12.87
C GLN D 93 -36.42 -5.95 -12.15
N PRO D 94 -35.64 -6.76 -12.85
CA PRO D 94 -34.51 -7.45 -12.19
C PRO D 94 -33.42 -6.49 -11.78
N ILE D 95 -32.75 -6.83 -10.69
CA ILE D 95 -31.61 -6.08 -10.18
C ILE D 95 -30.33 -6.79 -10.61
N PHE D 96 -29.44 -6.06 -11.28
CA PHE D 96 -28.20 -6.61 -11.77
C PHE D 96 -27.07 -6.34 -10.78
N ALA D 97 -26.15 -7.29 -10.68
CA ALA D 97 -24.96 -7.18 -9.82
C ALA D 97 -23.77 -7.59 -10.69
N ASN D 98 -23.17 -6.61 -11.36
CA ASN D 98 -22.04 -6.88 -12.25
C ASN D 98 -20.78 -7.04 -11.43
N ILE D 99 -20.19 -8.23 -11.48
CA ILE D 99 -18.97 -8.54 -10.76
C ILE D 99 -17.80 -8.34 -11.71
N THR D 100 -16.97 -7.32 -11.45
CA THR D 100 -15.85 -7.00 -12.31
C THR D 100 -14.56 -7.01 -11.50
N LEU D 101 -13.47 -7.09 -12.22
CA LEU D 101 -12.13 -7.11 -11.64
C LEU D 101 -11.72 -5.70 -11.21
N PRO D 102 -11.08 -5.57 -10.05
CA PRO D 102 -10.57 -4.27 -9.63
C PRO D 102 -9.17 -4.01 -10.18
N VAL D 103 -8.70 -2.79 -9.93
CA VAL D 103 -7.34 -2.38 -10.34
C VAL D 103 -6.45 -2.63 -9.13
N TYR D 104 -5.85 -3.82 -9.08
CA TYR D 104 -4.95 -4.16 -8.00
C TYR D 104 -3.67 -3.33 -8.08
N THR D 105 -2.97 -3.24 -6.96
CA THR D 105 -1.62 -2.69 -7.00
C THR D 105 -0.70 -3.70 -7.66
N LEU D 106 0.38 -3.18 -8.28
CA LEU D 106 1.31 -4.07 -8.96
C LEU D 106 1.93 -5.07 -7.99
N LYS D 107 2.16 -4.66 -6.74
CA LYS D 107 2.67 -5.58 -5.73
C LYS D 107 1.68 -6.69 -5.45
N GLU D 108 0.41 -6.34 -5.24
CA GLU D 108 -0.60 -7.35 -4.95
C GLU D 108 -0.86 -8.23 -6.17
N ARG D 109 -0.85 -7.64 -7.37
CA ARG D 109 -1.00 -8.44 -8.58
C ARG D 109 0.17 -9.40 -8.73
N CYS D 110 1.38 -8.96 -8.37
CA CYS D 110 2.53 -9.86 -8.41
C CYS D 110 2.41 -10.96 -7.37
N LEU D 111 1.88 -10.64 -6.19
CA LEU D 111 1.68 -11.67 -5.17
C LEU D 111 0.71 -12.74 -5.66
N GLN D 112 -0.32 -12.33 -6.39
CA GLN D 112 -1.28 -13.29 -6.92
C GLN D 112 -0.61 -14.29 -7.87
N VAL D 113 0.41 -13.84 -8.60
CA VAL D 113 1.11 -14.72 -9.53
C VAL D 113 2.08 -15.63 -8.80
N VAL D 114 2.82 -15.09 -7.83
CA VAL D 114 3.82 -15.87 -7.12
C VAL D 114 3.15 -16.91 -6.22
N ARG D 115 2.04 -16.55 -5.58
CA ARG D 115 1.33 -17.50 -4.74
C ARG D 115 0.77 -18.67 -5.54
N SER D 116 0.35 -18.41 -6.79
CA SER D 116 -0.25 -19.44 -7.63
C SER D 116 0.76 -20.38 -8.25
N LEU D 117 2.05 -20.11 -8.12
CA LEU D 117 3.08 -20.94 -8.73
C LEU D 117 4.05 -21.55 -7.73
N VAL D 118 3.93 -21.24 -6.45
CA VAL D 118 4.85 -21.74 -5.43
C VAL D 118 4.02 -22.28 -4.27
N LYS D 119 4.35 -23.49 -3.82
CA LYS D 119 3.70 -24.03 -2.64
C LYS D 119 4.01 -23.16 -1.42
N PRO D 120 3.06 -22.98 -0.51
CA PRO D 120 3.29 -22.07 0.62
C PRO D 120 4.50 -22.45 1.46
N GLU D 121 4.91 -23.72 1.47
CA GLU D 121 6.09 -24.13 2.22
C GLU D 121 7.39 -23.84 1.47
N ASN D 122 7.32 -23.24 0.28
CA ASN D 122 8.52 -22.87 -0.47
C ASN D 122 8.63 -21.36 -0.69
N TYR D 123 7.77 -20.56 -0.06
CA TYR D 123 7.88 -19.12 -0.16
C TYR D 123 9.27 -18.65 0.28
N ARG D 124 9.73 -19.13 1.45
CA ARG D 124 11.04 -18.75 1.95
C ARG D 124 12.17 -19.26 1.06
N ARG D 125 11.92 -20.29 0.26
CA ARG D 125 12.92 -20.82 -0.64
C ARG D 125 13.25 -19.84 -1.76
N LEU D 126 12.33 -18.93 -2.08
CA LEU D 126 12.54 -17.95 -3.13
C LEU D 126 13.61 -16.93 -2.72
N ASP D 127 14.27 -16.36 -3.73
CA ASP D 127 15.36 -15.40 -3.50
C ASP D 127 14.78 -13.99 -3.61
N ILE D 128 14.15 -13.55 -2.52
CA ILE D 128 13.58 -12.21 -2.43
C ILE D 128 13.85 -11.68 -1.02
N VAL D 129 13.53 -10.40 -0.80
CA VAL D 129 13.72 -9.82 0.51
C VAL D 129 12.78 -10.49 1.50
N ARG D 130 13.21 -10.55 2.76
CA ARG D 130 12.42 -11.23 3.78
C ARG D 130 11.07 -10.55 4.00
N SER D 131 10.95 -9.27 3.66
CA SER D 131 9.67 -8.58 3.82
C SER D 131 8.61 -9.16 2.89
N LEU D 132 9.00 -9.79 1.79
CA LEU D 132 8.04 -10.39 0.88
C LEU D 132 7.62 -11.79 1.32
N TYR D 133 8.42 -12.45 2.17
CA TYR D 133 7.99 -13.74 2.73
C TYR D 133 6.74 -13.56 3.56
N GLU D 134 6.68 -12.51 4.37
CA GLU D 134 5.48 -12.22 5.16
C GLU D 134 4.29 -11.90 4.26
N ASP D 135 4.50 -11.04 3.26
CA ASP D 135 3.41 -10.67 2.37
C ASP D 135 2.87 -11.88 1.61
N LEU D 136 3.76 -12.80 1.23
CA LEU D 136 3.30 -14.02 0.59
C LEU D 136 2.43 -14.83 1.54
N GLU D 137 2.77 -14.85 2.83
CA GLU D 137 1.98 -15.57 3.82
C GLU D 137 0.73 -14.81 4.23
N ASP D 138 0.73 -13.48 4.11
CA ASP D 138 -0.46 -12.69 4.40
C ASP D 138 -1.50 -12.89 3.30
N HIS D 139 -2.10 -14.08 3.26
CA HIS D 139 -3.04 -14.41 2.19
C HIS D 139 -4.35 -13.67 2.39
N PRO D 140 -4.98 -13.20 1.32
CA PRO D 140 -6.24 -12.45 1.45
C PRO D 140 -7.37 -13.36 1.89
N ASN D 141 -8.39 -12.75 2.49
CA ASN D 141 -9.55 -13.50 2.96
C ASN D 141 -10.70 -12.55 3.21
N VAL D 142 -11.88 -13.13 3.43
CA VAL D 142 -13.07 -12.34 3.72
C VAL D 142 -12.98 -11.72 5.12
N GLN D 143 -12.41 -12.47 6.06
CA GLN D 143 -12.30 -11.97 7.43
C GLN D 143 -11.51 -10.67 7.49
N LYS D 144 -10.33 -10.64 6.84
CA LYS D 144 -9.49 -9.45 6.88
C LYS D 144 -10.19 -8.26 6.22
N ASP D 145 -10.76 -8.47 5.04
CA ASP D 145 -11.47 -7.39 4.35
C ASP D 145 -12.70 -6.93 5.13
N LEU D 146 -13.36 -7.84 5.85
CA LEU D 146 -14.50 -7.43 6.68
C LEU D 146 -14.07 -6.56 7.85
N GLU D 147 -12.91 -6.84 8.45
CA GLU D 147 -12.46 -6.01 9.56
C GLU D 147 -12.17 -4.59 9.08
N ARG D 148 -11.51 -4.46 7.93
CA ARG D 148 -11.20 -3.13 7.40
C ARG D 148 -12.48 -2.38 7.05
N LEU D 149 -13.49 -3.09 6.53
CA LEU D 149 -14.75 -2.43 6.18
C LEU D 149 -15.48 -1.94 7.42
N THR D 150 -15.48 -2.73 8.50
CA THR D 150 -16.20 -2.34 9.70
C THR D 150 -15.56 -1.13 10.38
N GLN D 151 -14.23 -1.06 10.38
CA GLN D 151 -13.56 0.09 10.97
C GLN D 151 -13.94 1.38 10.27
N GLU D 152 -14.05 1.34 8.94
CA GLU D 152 -14.48 2.54 8.22
C GLU D 152 -15.94 2.89 8.56
N ARG D 153 -16.80 1.87 8.67
CA ARG D 153 -18.18 2.11 9.07
C ARG D 153 -18.31 2.45 10.54
N ILE D 154 -17.33 2.10 11.38
CA ILE D 154 -17.40 2.40 12.79
C ILE D 154 -17.11 3.87 13.06
N ALA D 155 -16.02 4.39 12.47
CA ALA D 155 -15.66 5.78 12.72
C ALA D 155 -16.55 6.76 11.97
N HIS D 156 -17.16 6.32 10.88
CA HIS D 156 -18.02 7.20 10.08
C HIS D 156 -19.48 7.03 10.47
N VAL E 18 56.83 -31.37 -0.40
CA VAL E 18 55.53 -31.22 0.23
C VAL E 18 55.46 -29.92 1.03
N SER E 19 56.29 -29.82 2.07
CA SER E 19 56.29 -28.62 2.90
C SER E 19 56.85 -27.42 2.15
N GLU E 20 57.74 -27.66 1.19
CA GLU E 20 58.24 -26.57 0.36
C GLU E 20 57.12 -25.96 -0.48
N GLN E 21 56.20 -26.80 -0.96
CA GLN E 21 55.09 -26.31 -1.78
C GLN E 21 54.16 -25.42 -0.96
N LEU E 22 53.71 -25.92 0.20
CA LEU E 22 52.78 -25.16 1.03
C LEU E 22 53.40 -23.87 1.55
N LYS E 23 54.72 -23.87 1.81
CA LYS E 23 55.39 -22.65 2.20
C LYS E 23 55.38 -21.62 1.07
N CYS E 24 55.63 -22.07 -0.17
CA CYS E 24 55.56 -21.15 -1.30
C CYS E 24 54.14 -20.72 -1.61
N CYS E 25 53.16 -21.58 -1.33
CA CYS E 25 51.76 -21.19 -1.54
C CYS E 25 51.38 -20.03 -0.65
N SER E 26 51.78 -20.06 0.61
CA SER E 26 51.52 -18.93 1.50
C SER E 26 52.25 -17.68 1.01
N GLY E 27 53.46 -17.86 0.47
CA GLY E 27 54.16 -16.73 -0.12
C GLY E 27 53.49 -16.21 -1.37
N ILE E 28 52.85 -17.10 -2.14
CA ILE E 28 52.08 -16.67 -3.31
C ILE E 28 50.88 -15.84 -2.86
N LEU E 29 50.15 -16.33 -1.87
CA LEU E 29 48.99 -15.58 -1.37
C LEU E 29 49.43 -14.26 -0.72
N LYS E 30 50.60 -14.25 -0.09
CA LYS E 30 51.12 -13.01 0.50
C LYS E 30 51.26 -11.93 -0.57
N GLU E 31 51.77 -12.31 -1.75
CA GLU E 31 51.91 -11.34 -2.84
C GLU E 31 50.55 -10.85 -3.32
N MET E 32 49.54 -11.72 -3.27
CA MET E 32 48.20 -11.33 -3.72
C MET E 32 47.56 -10.29 -2.80
N PHE E 33 47.89 -10.31 -1.52
CA PHE E 33 47.39 -9.31 -0.57
C PHE E 33 48.16 -8.00 -0.61
N ALA E 34 49.27 -7.92 -1.34
CA ALA E 34 50.12 -6.75 -1.34
C ALA E 34 49.40 -5.54 -1.93
N LYS E 35 49.90 -4.35 -1.56
CA LYS E 35 49.29 -3.11 -2.00
C LYS E 35 49.46 -2.89 -3.50
N LYS E 36 50.51 -3.47 -4.10
CA LYS E 36 50.73 -3.34 -5.53
C LYS E 36 49.55 -3.88 -6.34
N HIS E 37 48.83 -4.85 -5.78
CA HIS E 37 47.68 -5.44 -6.47
C HIS E 37 46.36 -5.02 -5.84
N ALA E 38 46.39 -4.07 -4.89
CA ALA E 38 45.16 -3.67 -4.20
C ALA E 38 44.17 -2.99 -5.13
N ALA E 39 44.64 -2.42 -6.24
CA ALA E 39 43.74 -1.73 -7.16
C ALA E 39 42.73 -2.69 -7.79
N TYR E 40 43.06 -3.97 -7.88
CA TYR E 40 42.17 -4.95 -8.51
C TYR E 40 41.90 -6.18 -7.66
N ALA E 41 42.54 -6.32 -6.50
CA ALA E 41 42.36 -7.48 -5.64
C ALA E 41 41.51 -7.19 -4.42
N TRP E 42 41.10 -5.94 -4.21
CA TRP E 42 40.37 -5.62 -2.98
C TRP E 42 39.00 -6.30 -2.86
N PRO E 43 38.22 -6.56 -3.92
CA PRO E 43 36.92 -7.21 -3.71
C PRO E 43 37.03 -8.66 -3.26
N PHE E 44 38.19 -9.29 -3.41
CA PHE E 44 38.36 -10.69 -3.08
C PHE E 44 39.09 -10.91 -1.77
N TYR E 45 39.33 -9.84 -1.01
CA TYR E 45 40.01 -9.98 0.27
C TYR E 45 39.13 -10.70 1.29
N LYS E 46 37.89 -10.25 1.45
CA LYS E 46 36.94 -10.82 2.40
C LYS E 46 35.88 -11.62 1.67
N PRO E 47 35.13 -12.47 2.38
CA PRO E 47 34.05 -13.24 1.73
C PRO E 47 33.00 -12.32 1.13
N VAL E 48 32.26 -12.86 0.16
CA VAL E 48 31.24 -12.08 -0.53
C VAL E 48 30.13 -11.73 0.44
N ASP E 49 29.87 -10.43 0.60
CA ASP E 49 28.87 -9.92 1.52
C ASP E 49 27.56 -9.76 0.76
N VAL E 50 26.69 -10.78 0.84
CA VAL E 50 25.42 -10.72 0.12
C VAL E 50 24.53 -9.62 0.69
N GLU E 51 24.65 -9.32 1.99
CA GLU E 51 23.85 -8.26 2.57
C GLU E 51 24.35 -6.89 2.14
N ALA E 52 25.67 -6.69 2.12
CA ALA E 52 26.22 -5.39 1.79
C ALA E 52 26.03 -5.06 0.31
N LEU E 53 26.12 -6.06 -0.56
CA LEU E 53 25.94 -5.87 -1.99
C LEU E 53 24.48 -5.97 -2.43
N GLY E 54 23.58 -6.34 -1.52
CA GLY E 54 22.19 -6.51 -1.88
C GLY E 54 21.93 -7.66 -2.83
N LEU E 55 22.81 -8.66 -2.83
CA LEU E 55 22.67 -9.81 -3.73
C LEU E 55 21.78 -10.86 -3.07
N HIS E 56 20.61 -11.10 -3.65
CA HIS E 56 19.68 -12.11 -3.14
C HIS E 56 19.93 -13.48 -3.77
N ASP E 57 20.30 -13.52 -5.05
CA ASP E 57 20.46 -14.75 -5.80
C ASP E 57 21.87 -15.34 -5.73
N TYR E 58 22.79 -14.71 -5.01
CA TYR E 58 24.18 -15.15 -5.04
C TYR E 58 24.33 -16.55 -4.44
N CYS E 59 23.80 -16.77 -3.24
CA CYS E 59 23.95 -18.07 -2.58
C CYS E 59 23.27 -19.19 -3.35
N ASP E 60 22.25 -18.86 -4.15
CA ASP E 60 21.60 -19.88 -4.96
C ASP E 60 22.47 -20.28 -6.15
N ILE E 61 23.19 -19.32 -6.73
CA ILE E 61 24.02 -19.61 -7.90
C ILE E 61 25.37 -20.16 -7.50
N ILE E 62 26.00 -19.58 -6.48
CA ILE E 62 27.33 -19.99 -6.04
C ILE E 62 27.14 -21.01 -4.92
N LYS E 63 27.33 -22.29 -5.26
CA LYS E 63 27.15 -23.35 -4.27
C LYS E 63 28.29 -23.38 -3.25
N HIS E 64 29.46 -22.89 -3.61
CA HIS E 64 30.62 -22.87 -2.73
C HIS E 64 31.39 -21.56 -2.91
N PRO E 65 31.13 -20.57 -2.08
CA PRO E 65 31.88 -19.31 -2.18
C PRO E 65 33.25 -19.44 -1.55
N MET E 66 34.18 -18.62 -2.03
CA MET E 66 35.55 -18.62 -1.54
C MET E 66 36.17 -17.25 -1.76
N ASP E 67 37.08 -16.89 -0.86
CA ASP E 67 37.79 -15.61 -0.94
C ASP E 67 39.24 -15.85 -0.55
N MET E 68 39.99 -14.75 -0.45
CA MET E 68 41.42 -14.85 -0.14
C MET E 68 41.67 -15.04 1.35
N SER E 69 40.87 -14.40 2.19
CA SER E 69 41.06 -14.55 3.64
C SER E 69 40.69 -15.95 4.09
N THR E 70 39.66 -16.55 3.49
CA THR E 70 39.29 -17.92 3.84
C THR E 70 40.41 -18.89 3.49
N ILE E 71 41.10 -18.65 2.37
CA ILE E 71 42.28 -19.44 2.04
C ILE E 71 43.36 -19.26 3.11
N LYS E 72 43.57 -18.02 3.55
CA LYS E 72 44.64 -17.74 4.52
C LYS E 72 44.41 -18.50 5.82
N SER E 73 43.16 -18.56 6.30
CA SER E 73 42.87 -19.29 7.52
C SER E 73 43.06 -20.80 7.32
N LYS E 74 42.64 -21.33 6.17
CA LYS E 74 42.81 -22.75 5.88
C LYS E 74 44.29 -23.11 5.75
N LEU E 75 45.08 -22.21 5.19
CA LEU E 75 46.52 -22.44 5.10
C LEU E 75 47.16 -22.47 6.49
N GLU E 76 46.77 -21.53 7.36
CA GLU E 76 47.30 -21.51 8.71
C GLU E 76 46.83 -22.70 9.54
N ALA E 77 45.63 -23.21 9.25
CA ALA E 77 45.10 -24.38 9.93
C ALA E 77 45.64 -25.70 9.38
N ARG E 78 46.51 -25.64 8.37
CA ARG E 78 47.09 -26.84 7.76
C ARG E 78 46.00 -27.78 7.27
N GLU E 79 45.01 -27.21 6.58
CA GLU E 79 43.92 -27.98 6.01
C GLU E 79 44.15 -28.35 4.56
N TYR E 80 45.11 -27.73 3.90
CA TYR E 80 45.43 -28.06 2.51
C TYR E 80 46.39 -29.24 2.50
N ARG E 81 45.93 -30.38 1.96
CA ARG E 81 46.76 -31.57 1.94
C ARG E 81 48.03 -31.35 1.12
N ASP E 82 47.93 -30.59 0.04
CA ASP E 82 49.07 -30.28 -0.82
C ASP E 82 48.78 -28.96 -1.53
N ALA E 83 49.70 -28.60 -2.44
CA ALA E 83 49.55 -27.33 -3.16
C ALA E 83 48.38 -27.36 -4.12
N GLN E 84 48.09 -28.52 -4.73
CA GLN E 84 46.96 -28.63 -5.64
C GLN E 84 45.64 -28.34 -4.93
N GLU E 85 45.51 -28.78 -3.67
CA GLU E 85 44.31 -28.46 -2.90
C GLU E 85 44.21 -26.95 -2.67
N PHE E 86 45.35 -26.28 -2.48
CA PHE E 86 45.34 -24.84 -2.32
C PHE E 86 44.92 -24.14 -3.61
N GLY E 87 45.41 -24.62 -4.76
CA GLY E 87 45.08 -23.98 -6.02
C GLY E 87 43.63 -24.14 -6.45
N ALA E 88 43.00 -25.25 -6.05
CA ALA E 88 41.60 -25.47 -6.41
C ALA E 88 40.69 -24.41 -5.79
N ASP E 89 41.00 -24.00 -4.57
CA ASP E 89 40.22 -22.94 -3.93
C ASP E 89 40.44 -21.61 -4.63
N VAL E 90 41.66 -21.35 -5.08
CA VAL E 90 41.94 -20.14 -5.85
C VAL E 90 41.11 -20.11 -7.12
N ARG E 91 41.09 -21.24 -7.86
CA ARG E 91 40.26 -21.33 -9.05
C ARG E 91 38.78 -21.15 -8.73
N LEU E 92 38.33 -21.74 -7.62
CA LEU E 92 36.93 -21.61 -7.25
C LEU E 92 36.57 -20.16 -6.93
N MET E 93 37.48 -19.43 -6.28
CA MET E 93 37.23 -18.01 -6.00
C MET E 93 37.07 -17.23 -7.30
N PHE E 94 37.98 -17.43 -8.25
CA PHE E 94 37.86 -16.78 -9.54
C PHE E 94 36.67 -17.32 -10.33
N SER E 95 36.45 -18.64 -10.27
CA SER E 95 35.37 -19.24 -11.06
C SER E 95 34.01 -18.73 -10.63
N ASN E 96 33.80 -18.57 -9.32
CA ASN E 96 32.53 -18.02 -8.84
C ASN E 96 32.29 -16.62 -9.38
N CYS E 97 33.34 -15.80 -9.45
CA CYS E 97 33.18 -14.45 -9.99
C CYS E 97 32.87 -14.46 -11.47
N TYR E 98 33.41 -15.44 -12.20
CA TYR E 98 33.12 -15.57 -13.63
C TYR E 98 31.75 -16.17 -13.87
N LYS E 99 31.26 -16.99 -12.94
CA LYS E 99 29.95 -17.63 -13.09
C LYS E 99 28.81 -16.67 -12.77
N TYR E 100 29.03 -15.78 -11.80
CA TYR E 100 27.92 -14.91 -11.35
C TYR E 100 27.85 -13.62 -12.16
N ASN E 101 29.00 -13.05 -12.54
CA ASN E 101 28.98 -11.72 -13.20
C ASN E 101 29.15 -11.83 -14.71
N PRO E 102 28.47 -10.98 -15.51
CA PRO E 102 28.67 -10.98 -16.97
C PRO E 102 30.11 -10.65 -17.31
N PRO E 103 30.58 -11.05 -18.49
CA PRO E 103 31.99 -10.84 -18.84
C PRO E 103 32.36 -9.37 -19.00
N ASP E 104 31.40 -8.49 -19.30
CA ASP E 104 31.69 -7.08 -19.50
C ASP E 104 31.71 -6.29 -18.19
N HIS E 105 31.39 -6.93 -17.07
CA HIS E 105 31.35 -6.23 -15.79
C HIS E 105 32.77 -5.90 -15.33
N GLU E 106 32.87 -4.85 -14.50
CA GLU E 106 34.19 -4.41 -14.05
C GLU E 106 34.87 -5.45 -13.17
N VAL E 107 34.09 -6.18 -12.37
CA VAL E 107 34.69 -7.10 -11.41
C VAL E 107 35.30 -8.31 -12.12
N VAL E 108 34.74 -8.72 -13.25
CA VAL E 108 35.33 -9.82 -14.00
C VAL E 108 36.68 -9.41 -14.56
N ALA E 109 36.80 -8.15 -14.99
CA ALA E 109 38.09 -7.65 -15.47
C ALA E 109 39.11 -7.61 -14.36
N MET E 110 38.68 -7.26 -13.15
CA MET E 110 39.59 -7.21 -12.01
C MET E 110 40.04 -8.61 -11.60
N ALA E 111 39.13 -9.59 -11.70
CA ALA E 111 39.48 -10.97 -11.36
C ALA E 111 40.48 -11.56 -12.34
N ARG E 112 40.41 -11.15 -13.61
CA ARG E 112 41.34 -11.68 -14.61
C ARG E 112 42.76 -11.22 -14.33
N LYS E 113 42.93 -9.95 -13.95
CA LYS E 113 44.27 -9.42 -13.73
C LYS E 113 44.87 -9.96 -12.43
N LEU E 114 44.03 -10.35 -11.46
CA LEU E 114 44.54 -10.99 -10.26
C LEU E 114 44.90 -12.45 -10.53
N GLN E 115 44.13 -13.13 -11.38
CA GLN E 115 44.47 -14.51 -11.72
C GLN E 115 45.75 -14.58 -12.53
N ASP E 116 46.05 -13.55 -13.32
CA ASP E 116 47.34 -13.49 -14.00
C ASP E 116 48.48 -13.41 -12.99
N VAL E 117 48.26 -12.72 -11.87
CA VAL E 117 49.26 -12.70 -10.81
C VAL E 117 49.40 -14.08 -10.18
N PHE E 118 48.28 -14.79 -10.01
CA PHE E 118 48.33 -16.11 -9.39
C PHE E 118 48.96 -17.14 -10.32
N GLU E 119 48.57 -17.15 -11.60
CA GLU E 119 49.03 -18.19 -12.51
C GLU E 119 50.53 -18.13 -12.72
N MET E 120 51.12 -16.94 -12.73
CA MET E 120 52.54 -16.81 -13.03
C MET E 120 53.41 -17.30 -11.88
N ARG E 121 52.93 -17.19 -10.64
CA ARG E 121 53.72 -17.65 -9.51
C ARG E 121 53.46 -19.13 -9.24
N PHE E 122 52.20 -19.56 -9.39
CA PHE E 122 51.84 -20.95 -9.17
C PHE E 122 52.51 -21.86 -10.20
N ALA E 123 52.75 -21.36 -11.41
CA ALA E 123 53.44 -22.13 -12.43
C ALA E 123 54.94 -22.21 -12.18
N LYS E 124 55.54 -21.16 -11.62
CA LYS E 124 56.96 -21.15 -11.35
C LYS E 124 57.29 -21.75 -9.99
N MET E 125 56.29 -22.29 -9.30
CA MET E 125 56.53 -23.01 -8.06
C MET E 125 57.38 -24.25 -8.34
N PRO E 126 58.35 -24.57 -7.47
CA PRO E 126 59.16 -25.79 -7.61
C PRO E 126 58.32 -27.07 -7.54
N MET F 5 14.18 8.39 35.02
CA MET F 5 14.48 9.58 34.22
C MET F 5 13.53 10.73 34.56
N ASP F 6 13.18 11.52 33.56
CA ASP F 6 12.28 12.64 33.73
C ASP F 6 10.85 12.23 33.40
N VAL F 7 9.90 12.76 34.17
CA VAL F 7 8.49 12.51 33.94
C VAL F 7 7.83 13.81 33.48
N PHE F 8 6.71 13.66 32.77
CA PHE F 8 5.96 14.77 32.23
C PHE F 8 4.50 14.60 32.60
N LEU F 9 3.92 15.62 33.25
CA LEU F 9 2.63 15.49 33.91
C LEU F 9 1.62 16.48 33.35
N MET F 10 0.36 16.26 33.72
CA MET F 10 -0.76 17.14 33.38
C MET F 10 -1.58 17.30 34.66
N ILE F 11 -1.27 18.33 35.44
CA ILE F 11 -1.98 18.59 36.69
C ILE F 11 -3.29 19.30 36.35
N ARG F 12 -4.41 18.64 36.64
CA ARG F 12 -5.72 19.10 36.21
C ARG F 12 -6.63 19.29 37.41
N ARG F 13 -7.21 20.48 37.53
CA ARG F 13 -8.32 20.73 38.45
C ARG F 13 -9.37 21.53 37.70
N HIS F 14 -10.59 20.98 37.64
CA HIS F 14 -11.72 21.63 36.98
C HIS F 14 -11.35 21.86 35.51
N LYS F 15 -11.32 23.10 35.02
CA LYS F 15 -10.95 23.37 33.64
C LYS F 15 -9.53 23.88 33.51
N THR F 16 -8.70 23.70 34.53
CA THR F 16 -7.32 24.17 34.54
C THR F 16 -6.38 22.98 34.39
N THR F 17 -5.46 23.06 33.43
CA THR F 17 -4.49 22.00 33.18
C THR F 17 -3.09 22.60 33.14
N ILE F 18 -2.16 21.97 33.85
CA ILE F 18 -0.79 22.45 33.97
C ILE F 18 0.13 21.42 33.32
N PHE F 19 0.91 21.87 32.33
CA PHE F 19 1.91 21.03 31.68
C PHE F 19 3.26 21.35 32.31
N THR F 20 3.73 20.44 33.18
CA THR F 20 5.00 20.60 33.85
C THR F 20 5.77 19.29 33.80
N ASP F 21 7.06 19.36 34.08
CA ASP F 21 7.94 18.20 34.11
C ASP F 21 8.54 18.04 35.51
N ALA F 22 8.94 16.82 35.81
CA ALA F 22 9.56 16.49 37.10
C ALA F 22 10.40 15.24 36.91
N LYS F 23 10.82 14.65 38.03
CA LYS F 23 11.67 13.47 38.02
C LYS F 23 10.99 12.32 38.75
N GLU F 24 11.42 11.09 38.44
CA GLU F 24 10.93 9.94 39.18
C GLU F 24 11.36 10.00 40.64
N SER F 25 12.46 10.69 40.94
CA SER F 25 12.94 10.80 42.30
C SER F 25 12.26 11.91 43.09
N SER F 26 11.71 12.92 42.40
CA SER F 26 11.03 14.01 43.08
C SER F 26 9.78 13.51 43.80
N THR F 27 9.50 14.08 44.97
CA THR F 27 8.42 13.62 45.81
C THR F 27 7.11 14.31 45.45
N VAL F 28 6.02 13.80 46.01
CA VAL F 28 4.71 14.40 45.81
C VAL F 28 4.66 15.80 46.41
N PHE F 29 5.39 16.02 47.51
CA PHE F 29 5.42 17.35 48.12
C PHE F 29 6.13 18.35 47.23
N GLU F 30 7.24 17.93 46.62
CA GLU F 30 7.96 18.80 45.70
C GLU F 30 7.08 19.21 44.52
N LEU F 31 6.17 18.33 44.11
CA LEU F 31 5.20 18.69 43.08
C LEU F 31 4.23 19.75 43.58
N LYS F 32 3.90 19.73 44.88
CA LYS F 32 3.03 20.75 45.44
C LYS F 32 3.72 22.11 45.50
N ARG F 33 5.05 22.13 45.66
CA ARG F 33 5.78 23.38 45.54
C ARG F 33 5.62 23.99 44.15
N ILE F 34 5.58 23.14 43.12
CA ILE F 34 5.42 23.62 41.75
C ILE F 34 4.03 24.22 41.57
N VAL F 35 2.99 23.53 42.06
CA VAL F 35 1.65 24.09 41.99
C VAL F 35 1.53 25.32 42.87
N GLU F 36 2.37 25.42 43.92
CA GLU F 36 2.32 26.59 44.78
C GLU F 36 2.77 27.85 44.04
N GLY F 37 3.81 27.74 43.24
CA GLY F 37 4.32 28.90 42.54
C GLY F 37 3.45 29.35 41.38
N ILE F 38 2.72 28.42 40.78
CA ILE F 38 1.91 28.74 39.60
C ILE F 38 0.51 29.17 39.99
N LEU F 39 -0.10 28.50 40.96
CA LEU F 39 -1.50 28.74 41.32
C LEU F 39 -1.67 29.50 42.64
N LYS F 40 -0.58 29.92 43.29
CA LYS F 40 -0.65 30.69 44.52
C LYS F 40 -1.41 29.94 45.61
N ARG F 41 -1.15 28.65 45.74
CA ARG F 41 -1.79 27.80 46.75
C ARG F 41 -0.72 27.00 47.48
N PRO F 42 -0.54 27.20 48.78
CA PRO F 42 0.48 26.44 49.51
C PRO F 42 0.15 24.96 49.53
N PRO F 43 1.14 24.10 49.78
CA PRO F 43 0.89 22.64 49.72
C PRO F 43 -0.21 22.14 50.63
N ASP F 44 -0.38 22.72 51.82
CA ASP F 44 -1.43 22.22 52.72
C ASP F 44 -2.83 22.48 52.20
N GLU F 45 -2.97 23.29 51.15
CA GLU F 45 -4.25 23.51 50.49
C GLU F 45 -4.42 22.67 49.24
N GLN F 46 -3.51 21.72 48.99
CA GLN F 46 -3.55 20.91 47.79
C GLN F 46 -3.65 19.43 48.15
N ARG F 47 -4.32 18.68 47.27
CA ARG F 47 -4.36 17.22 47.36
C ARG F 47 -4.16 16.67 45.96
N LEU F 48 -3.10 15.87 45.79
CA LEU F 48 -2.75 15.29 44.50
C LEU F 48 -3.30 13.88 44.39
N TYR F 49 -3.96 13.58 43.28
CA TYR F 49 -4.54 12.27 43.06
C TYR F 49 -3.94 11.61 41.82
N LYS F 50 -4.06 10.28 41.77
CA LYS F 50 -3.63 9.45 40.64
C LYS F 50 -4.76 8.47 40.37
N ASP F 51 -5.67 8.83 39.46
CA ASP F 51 -6.90 8.10 39.19
C ASP F 51 -7.66 7.79 40.49
N ASP F 52 -8.12 8.86 41.14
CA ASP F 52 -8.97 8.82 42.32
C ASP F 52 -8.27 8.29 43.56
N GLN F 53 -6.96 8.05 43.49
CA GLN F 53 -6.20 7.50 44.62
C GLN F 53 -5.29 8.60 45.16
N LEU F 54 -5.44 8.90 46.46
CA LEU F 54 -4.69 9.98 47.07
C LEU F 54 -3.21 9.63 47.15
N LEU F 55 -2.37 10.65 46.94
CA LEU F 55 -0.93 10.52 46.96
C LEU F 55 -0.39 11.12 48.25
N ASP F 56 0.61 10.48 48.83
CA ASP F 56 1.21 10.94 50.07
C ASP F 56 2.45 11.77 49.76
N ASP F 57 2.62 12.86 50.52
CA ASP F 57 3.65 13.85 50.21
C ASP F 57 5.06 13.29 50.32
N GLY F 58 5.23 12.15 51.00
CA GLY F 58 6.54 11.55 51.19
C GLY F 58 6.97 10.57 50.13
N LYS F 59 6.08 10.19 49.23
CA LYS F 59 6.39 9.22 48.20
C LYS F 59 6.96 9.90 46.96
N THR F 60 7.80 9.17 46.23
CA THR F 60 8.35 9.68 44.99
C THR F 60 7.38 9.40 43.84
N LEU F 61 7.55 10.16 42.76
CA LEU F 61 6.68 10.00 41.60
C LEU F 61 6.84 8.62 40.98
N GLY F 62 8.04 8.05 41.02
CA GLY F 62 8.23 6.71 40.51
C GLY F 62 7.46 5.67 41.30
N GLU F 63 7.55 5.74 42.63
CA GLU F 63 6.81 4.81 43.47
C GLU F 63 5.30 5.01 43.36
N CYS F 64 4.86 6.20 42.95
CA CYS F 64 3.43 6.42 42.72
C CYS F 64 2.96 5.73 41.44
N GLY F 65 3.87 5.39 40.54
CA GLY F 65 3.51 4.78 39.27
C GLY F 65 3.83 5.63 38.06
N PHE F 66 4.38 6.83 38.24
CA PHE F 66 4.76 7.67 37.11
C PHE F 66 6.16 7.28 36.63
N THR F 67 6.23 6.76 35.40
CA THR F 67 7.47 6.29 34.81
C THR F 67 7.80 7.14 33.60
N SER F 68 9.08 7.21 33.26
CA SER F 68 9.50 7.85 32.01
C SER F 68 8.82 7.20 30.79
N GLN F 69 8.46 5.92 30.89
CA GLN F 69 7.82 5.24 29.77
C GLN F 69 6.36 5.64 29.61
N THR F 70 5.67 5.93 30.71
CA THR F 70 4.26 6.27 30.69
C THR F 70 3.99 7.75 30.88
N ALA F 71 5.02 8.57 31.11
CA ALA F 71 4.87 10.01 31.28
C ALA F 71 5.82 10.74 30.31
N ARG F 72 5.56 10.57 29.02
CA ARG F 72 6.37 11.13 27.95
C ARG F 72 5.85 12.51 27.54
N PRO F 73 6.71 13.34 26.96
CA PRO F 73 6.24 14.68 26.56
C PRO F 73 5.08 14.66 25.58
N GLN F 74 5.04 13.69 24.67
CA GLN F 74 3.94 13.61 23.72
C GLN F 74 2.65 13.07 24.35
N ALA F 75 2.75 12.36 25.46
CA ALA F 75 1.59 11.81 26.16
C ALA F 75 1.82 11.89 27.66
N PRO F 76 1.62 13.06 28.26
CA PRO F 76 1.85 13.19 29.71
C PRO F 76 0.79 12.45 30.51
N ALA F 77 1.19 12.04 31.71
CA ALA F 77 0.27 11.40 32.64
C ALA F 77 -0.48 12.45 33.45
N THR F 78 -1.76 12.20 33.67
CA THR F 78 -2.64 13.16 34.34
C THR F 78 -2.56 13.01 35.86
N VAL F 79 -2.47 14.14 36.55
CA VAL F 79 -2.44 14.18 38.01
C VAL F 79 -3.64 14.99 38.49
N GLY F 80 -4.49 14.35 39.28
CA GLY F 80 -5.63 15.05 39.84
C GLY F 80 -5.22 16.08 40.89
N LEU F 81 -6.05 17.10 41.04
CA LEU F 81 -5.76 18.17 42.00
C LEU F 81 -7.07 18.68 42.58
N ALA F 82 -7.08 18.87 43.90
CA ALA F 82 -8.21 19.44 44.61
C ALA F 82 -7.70 20.47 45.61
N PHE F 83 -8.50 21.51 45.85
CA PHE F 83 -8.10 22.62 46.70
C PHE F 83 -8.97 22.66 47.95
N ARG F 84 -8.37 23.06 49.07
CA ARG F 84 -9.16 23.32 50.28
C ARG F 84 -9.70 24.73 50.19
N ALA F 85 -11.00 24.87 49.89
CA ALA F 85 -11.71 26.12 50.08
C ALA F 85 -12.23 26.19 51.50
N ASP F 86 -12.09 27.35 52.15
CA ASP F 86 -12.54 27.54 53.52
C ASP F 86 -12.10 26.43 54.46
N ASP F 87 -13.09 25.74 55.03
CA ASP F 87 -12.86 24.79 56.10
C ASP F 87 -12.32 23.46 55.59
N THR F 88 -12.85 22.93 54.48
CA THR F 88 -12.52 21.57 54.08
C THR F 88 -12.24 21.48 52.59
N PHE F 89 -11.67 20.35 52.19
CA PHE F 89 -11.31 20.11 50.79
C PHE F 89 -12.54 19.84 49.92
N GLU F 90 -12.46 20.31 48.68
CA GLU F 90 -13.48 20.05 47.69
C GLU F 90 -13.27 18.68 47.07
N ALA F 91 -14.33 18.15 46.47
CA ALA F 91 -14.22 16.87 45.77
C ALA F 91 -13.43 17.05 44.49
N LEU F 92 -12.59 16.06 44.18
CA LEU F 92 -11.81 16.08 42.96
C LEU F 92 -12.73 16.07 41.74
N CYS F 93 -12.79 17.18 41.02
CA CYS F 93 -13.63 17.31 39.82
C CYS F 93 -12.75 17.80 38.67
N ILE F 94 -12.56 16.94 37.67
CA ILE F 94 -11.77 17.27 36.49
C ILE F 94 -12.72 17.34 35.31
N GLU F 95 -12.94 18.55 34.80
CA GLU F 95 -13.85 18.73 33.69
C GLU F 95 -13.22 18.15 32.42
N PRO F 96 -13.93 17.28 31.70
CA PRO F 96 -13.33 16.65 30.52
C PRO F 96 -13.25 17.60 29.34
N PHE F 97 -12.26 17.36 28.48
CA PHE F 97 -12.07 18.17 27.29
C PHE F 97 -13.19 17.94 26.29
N SER F 98 -13.24 18.81 25.28
CA SER F 98 -14.27 18.71 24.25
C SER F 98 -14.08 17.45 23.41
N SER F 99 -15.10 17.14 22.59
CA SER F 99 -15.08 15.92 21.80
C SER F 99 -14.81 16.23 20.33
N PRO F 100 -14.09 15.35 19.63
CA PRO F 100 -13.85 15.57 18.20
C PRO F 100 -15.12 15.32 17.41
N PRO F 101 -15.27 15.98 16.27
CA PRO F 101 -16.43 15.71 15.42
C PRO F 101 -16.30 14.35 14.74
N GLU F 102 -17.37 13.95 14.07
CA GLU F 102 -17.37 12.69 13.34
C GLU F 102 -16.31 12.71 12.25
N LEU F 103 -15.69 11.56 12.03
CA LEU F 103 -14.64 11.47 11.03
C LEU F 103 -15.20 11.75 9.65
N PRO F 104 -14.54 12.58 8.83
CA PRO F 104 -15.07 12.88 7.51
C PRO F 104 -15.22 11.63 6.65
N ASP F 105 -16.09 11.72 5.65
CA ASP F 105 -16.38 10.57 4.80
C ASP F 105 -15.14 10.14 4.01
N VAL F 106 -14.42 11.10 3.43
CA VAL F 106 -13.28 10.77 2.58
C VAL F 106 -12.02 10.48 3.37
N MET F 107 -12.08 10.59 4.70
CA MET F 107 -10.94 10.27 5.55
C MET F 107 -10.98 8.79 5.93
N LYS F 108 -9.79 8.22 6.11
CA LYS F 108 -9.61 6.77 6.32
C LYS F 108 -10.05 5.95 5.12
N SER G 2 10.31 28.44 35.96
CA SER G 2 10.42 29.57 35.04
C SER G 2 9.09 30.30 34.90
N MET G 3 9.03 31.26 33.98
CA MET G 3 7.79 32.00 33.77
C MET G 3 6.77 31.13 33.05
N TYR G 4 5.50 31.26 33.43
CA TYR G 4 4.43 30.48 32.84
C TYR G 4 3.43 31.40 32.16
N VAL G 5 2.64 30.81 31.25
CA VAL G 5 1.65 31.53 30.46
C VAL G 5 0.35 30.73 30.43
N LYS G 6 -0.77 31.43 30.40
CA LYS G 6 -2.09 30.81 30.42
C LYS G 6 -2.69 30.86 29.01
N LEU G 7 -3.03 29.70 28.46
CA LEU G 7 -3.66 29.58 27.16
C LEU G 7 -5.08 29.07 27.33
N ILE G 8 -6.07 29.90 26.98
CA ILE G 8 -7.47 29.57 27.16
C ILE G 8 -8.04 29.09 25.83
N SER G 9 -8.76 27.97 25.86
CA SER G 9 -9.39 27.43 24.68
C SER G 9 -10.73 28.13 24.44
N SER G 10 -11.49 27.66 23.47
CA SER G 10 -12.77 28.29 23.16
C SER G 10 -13.85 27.93 24.16
N ASP G 11 -13.73 26.79 24.86
CA ASP G 11 -14.72 26.35 25.82
C ASP G 11 -14.27 26.58 27.26
N GLY G 12 -13.44 27.60 27.49
CA GLY G 12 -13.10 28.00 28.84
C GLY G 12 -12.02 27.20 29.53
N HIS G 13 -11.43 26.20 28.85
CA HIS G 13 -10.37 25.42 29.46
C HIS G 13 -9.07 26.22 29.48
N GLU G 14 -8.44 26.29 30.64
CA GLU G 14 -7.19 27.01 30.81
C GLU G 14 -6.02 26.03 30.77
N PHE G 15 -4.99 26.36 30.00
CA PHE G 15 -3.80 25.54 29.83
C PHE G 15 -2.59 26.37 30.19
N ILE G 16 -1.95 26.05 31.31
CA ILE G 16 -0.78 26.75 31.79
C ILE G 16 0.45 25.96 31.38
N VAL G 17 1.27 26.55 30.52
CA VAL G 17 2.51 25.94 30.05
C VAL G 17 3.64 26.93 30.28
N LYS G 18 4.87 26.46 30.10
CA LYS G 18 6.02 27.34 30.24
C LYS G 18 6.06 28.36 29.09
N ARG G 19 6.66 29.52 29.39
CA ARG G 19 6.72 30.60 28.40
C ARG G 19 7.54 30.20 27.18
N GLU G 20 8.72 29.61 27.42
CA GLU G 20 9.56 29.17 26.30
C GLU G 20 8.83 28.12 25.46
N HIS G 21 8.08 27.24 26.10
CA HIS G 21 7.40 26.19 25.36
C HIS G 21 6.30 26.77 24.48
N ALA G 22 5.57 27.76 24.98
CA ALA G 22 4.50 28.36 24.20
C ALA G 22 5.03 29.18 23.03
N LEU G 23 6.26 29.71 23.15
CA LEU G 23 6.82 30.52 22.08
C LEU G 23 7.17 29.72 20.84
N THR G 24 7.03 28.40 20.88
CA THR G 24 7.16 27.61 19.65
C THR G 24 6.13 28.04 18.62
N SER G 25 4.97 28.51 19.07
CA SER G 25 3.96 29.07 18.19
C SER G 25 4.33 30.49 17.84
N GLY G 26 4.52 30.77 16.55
CA GLY G 26 4.80 32.13 16.12
C GLY G 26 3.65 33.07 16.45
N THR G 27 2.42 32.57 16.34
CA THR G 27 1.25 33.38 16.70
C THR G 27 1.34 33.83 18.15
N ILE G 28 1.63 32.89 19.05
CA ILE G 28 1.75 33.24 20.47
C ILE G 28 2.92 34.19 20.67
N LYS G 29 4.02 33.96 19.95
CA LYS G 29 5.17 34.87 20.06
C LYS G 29 4.81 36.27 19.60
N ALA G 30 3.93 36.37 18.60
CA ALA G 30 3.47 37.67 18.15
C ALA G 30 2.60 38.39 19.17
N MET G 31 2.10 37.70 20.20
CA MET G 31 1.21 38.33 21.16
C MET G 31 1.87 38.73 22.46
N LEU G 32 3.01 38.14 22.81
CA LEU G 32 3.65 38.34 24.10
C LEU G 32 5.08 38.83 23.91
N SER G 33 5.66 39.32 25.00
CA SER G 33 6.96 39.97 24.98
C SER G 33 8.09 39.06 24.50
N ASN G 44 0.73 37.91 29.47
CA ASN G 44 0.93 36.70 30.27
C ASN G 44 -0.17 35.68 30.02
N GLU G 45 -1.13 36.02 29.17
CA GLU G 45 -2.28 35.16 28.92
C GLU G 45 -2.81 35.42 27.52
N VAL G 46 -3.19 34.35 26.82
CA VAL G 46 -3.72 34.43 25.46
C VAL G 46 -5.01 33.61 25.39
N ASN G 47 -6.05 34.20 24.81
CA ASN G 47 -7.36 33.56 24.69
C ASN G 47 -7.65 33.25 23.23
N PHE G 48 -7.85 31.98 22.92
CA PHE G 48 -8.19 31.53 21.57
C PHE G 48 -9.66 31.21 21.51
N ARG G 49 -10.40 31.93 20.66
CA ARG G 49 -11.84 31.73 20.54
C ARG G 49 -12.22 30.72 19.46
N GLU G 50 -11.25 30.22 18.69
CA GLU G 50 -11.53 29.28 17.61
C GLU G 50 -10.78 27.96 17.78
N ILE G 51 -10.24 27.67 18.96
CA ILE G 51 -9.53 26.43 19.21
C ILE G 51 -10.17 25.74 20.41
N PRO G 52 -10.77 24.56 20.24
CA PRO G 52 -11.40 23.88 21.37
C PRO G 52 -10.36 23.29 22.31
N SER G 53 -10.86 22.77 23.44
CA SER G 53 -9.96 22.35 24.51
C SER G 53 -9.15 21.12 24.11
N HIS G 54 -9.81 20.11 23.52
CA HIS G 54 -9.10 18.89 23.16
C HIS G 54 -8.06 19.12 22.09
N VAL G 55 -8.18 20.20 21.30
CA VAL G 55 -7.15 20.53 20.33
C VAL G 55 -6.02 21.32 20.99
N LEU G 56 -6.37 22.29 21.83
CA LEU G 56 -5.33 23.08 22.49
C LEU G 56 -4.51 22.23 23.45
N SER G 57 -5.10 21.17 24.01
CA SER G 57 -4.35 20.25 24.83
C SER G 57 -3.28 19.53 24.02
N LYS G 58 -3.66 19.01 22.85
CA LYS G 58 -2.70 18.33 21.98
C LYS G 58 -1.58 19.26 21.54
N VAL G 59 -1.90 20.55 21.33
CA VAL G 59 -0.87 21.51 20.93
C VAL G 59 0.13 21.72 22.07
N CYS G 60 -0.37 21.85 23.30
CA CYS G 60 0.52 22.02 24.44
C CYS G 60 1.43 20.81 24.63
N MET G 61 0.96 19.62 24.26
CA MET G 61 1.83 18.44 24.30
C MET G 61 2.91 18.53 23.22
N TYR G 62 2.59 19.11 22.06
CA TYR G 62 3.60 19.26 21.01
C TYR G 62 4.70 20.21 21.45
N PHE G 63 4.33 21.28 22.17
CA PHE G 63 5.34 22.20 22.69
C PHE G 63 6.34 21.46 23.55
N THR G 64 5.84 20.61 24.45
CA THR G 64 6.73 19.80 25.29
C THR G 64 7.53 18.83 24.44
N TYR G 65 6.90 18.25 23.42
CA TYR G 65 7.60 17.32 22.53
C TYR G 65 8.71 18.03 21.77
N LYS G 66 8.48 19.27 21.35
CA LYS G 66 9.45 19.96 20.51
C LYS G 66 10.65 20.41 21.33
N VAL G 67 10.41 21.06 22.48
CA VAL G 67 11.50 21.59 23.28
C VAL G 67 12.42 20.48 23.77
N ARG G 68 11.86 19.30 24.06
CA ARG G 68 12.67 18.20 24.56
C ARG G 68 13.59 17.64 23.48
N TYR G 69 13.03 17.28 22.33
CA TYR G 69 13.78 16.53 21.34
C TYR G 69 14.47 17.39 20.29
N THR G 70 14.40 18.71 20.41
CA THR G 70 15.16 19.58 19.52
C THR G 70 16.62 19.58 19.94
N ASN G 71 17.52 19.45 18.95
CA ASN G 71 18.96 19.33 19.20
C ASN G 71 19.28 18.11 20.08
N SER G 72 18.45 17.08 19.99
CA SER G 72 18.64 15.88 20.78
C SER G 72 19.57 14.91 20.06
N SER G 73 20.27 14.10 20.86
CA SER G 73 21.19 13.11 20.31
C SER G 73 20.63 11.69 20.35
N THR G 74 19.52 11.47 21.05
CA THR G 74 18.88 10.17 21.06
C THR G 74 17.95 10.05 19.84
N GLU G 75 17.28 8.90 19.72
CA GLU G 75 16.28 8.73 18.68
C GLU G 75 14.99 9.46 19.05
N ILE G 76 14.42 10.15 18.07
CA ILE G 76 13.23 10.98 18.29
C ILE G 76 12.00 10.13 18.01
N PRO G 77 11.07 10.03 18.94
CA PRO G 77 9.86 9.24 18.71
C PRO G 77 8.85 9.97 17.83
N GLU G 78 7.96 9.19 17.23
CA GLU G 78 6.90 9.75 16.41
C GLU G 78 5.90 10.50 17.28
N PHE G 79 5.46 11.66 16.80
CA PHE G 79 4.44 12.42 17.49
C PHE G 79 3.06 11.85 17.16
N PRO G 80 2.33 11.31 18.13
CA PRO G 80 1.04 10.67 17.81
C PRO G 80 -0.03 11.70 17.46
N ILE G 81 -0.83 11.35 16.46
CA ILE G 81 -1.97 12.16 16.03
C ILE G 81 -3.13 11.23 15.72
N ALA G 82 -4.24 11.41 16.42
CA ALA G 82 -5.42 10.60 16.14
C ALA G 82 -6.10 11.08 14.85
N PRO G 83 -6.65 10.16 14.06
CA PRO G 83 -7.36 10.58 12.85
C PRO G 83 -8.56 11.46 13.13
N GLU G 84 -9.16 11.33 14.31
CA GLU G 84 -10.33 12.12 14.67
C GLU G 84 -9.99 13.56 15.03
N ILE G 85 -8.72 13.89 15.16
CA ILE G 85 -8.32 15.27 15.49
C ILE G 85 -7.32 15.80 14.48
N ALA G 86 -7.07 15.05 13.39
CA ALA G 86 -6.07 15.48 12.42
C ALA G 86 -6.47 16.78 11.75
N LEU G 87 -7.73 16.89 11.32
CA LEU G 87 -8.18 18.12 10.66
C LEU G 87 -8.16 19.29 11.63
N GLU G 88 -8.68 19.10 12.84
CA GLU G 88 -8.70 20.19 13.81
C GLU G 88 -7.30 20.60 14.22
N LEU G 89 -6.41 19.62 14.43
CA LEU G 89 -5.05 19.93 14.83
C LEU G 89 -4.27 20.61 13.71
N LEU G 90 -4.52 20.20 12.46
CA LEU G 90 -3.88 20.85 11.34
C LEU G 90 -4.26 22.32 11.26
N MET G 91 -5.55 22.63 11.45
CA MET G 91 -6.00 24.01 11.38
C MET G 91 -5.39 24.84 12.50
N ALA G 92 -5.30 24.26 13.71
CA ALA G 92 -4.65 24.97 14.81
C ALA G 92 -3.16 25.15 14.55
N ALA G 93 -2.50 24.11 14.04
CA ALA G 93 -1.07 24.21 13.76
C ALA G 93 -0.80 25.27 12.70
N ASN G 94 -1.67 25.37 11.70
CA ASN G 94 -1.51 26.39 10.67
C ASN G 94 -1.79 27.78 11.25
N PHE G 95 -2.79 27.90 12.12
CA PHE G 95 -3.12 29.20 12.70
C PHE G 95 -2.08 29.64 13.72
N LEU G 96 -1.43 28.69 14.41
CA LEU G 96 -0.48 29.05 15.45
C LEU G 96 0.95 29.21 14.95
N ASP G 97 1.27 28.68 13.77
CA ASP G 97 2.62 28.72 13.22
C ASP G 97 3.62 28.06 14.17
N CYS G 98 3.41 26.76 14.38
CA CYS G 98 4.29 25.97 15.24
C CYS G 98 4.62 24.61 14.64
N VAL H 10 25.97 21.04 -8.14
CA VAL H 10 27.02 21.30 -7.17
C VAL H 10 27.13 20.13 -6.18
N LEU H 11 25.99 19.70 -5.65
CA LEU H 11 25.96 18.58 -4.70
C LEU H 11 25.97 17.27 -5.48
N ARG H 12 27.14 16.64 -5.54
CA ARG H 12 27.32 15.40 -6.28
C ARG H 12 28.44 14.60 -5.65
N SER H 13 28.51 13.33 -6.01
CA SER H 13 29.55 12.44 -5.51
C SER H 13 30.79 12.51 -6.39
N VAL H 14 31.94 12.27 -5.77
CA VAL H 14 33.21 12.22 -6.49
C VAL H 14 33.50 10.78 -6.91
N ASN H 15 33.95 10.62 -8.15
CA ASN H 15 34.24 9.29 -8.69
C ASN H 15 35.63 8.87 -8.20
N SER H 16 35.70 8.58 -6.90
CA SER H 16 36.98 8.25 -6.29
C SER H 16 37.38 6.79 -6.52
N ARG H 17 36.40 5.90 -6.69
CA ARG H 17 36.64 4.47 -6.89
C ARG H 17 37.39 3.84 -5.72
N GLU H 18 37.33 4.45 -4.54
CA GLU H 18 37.97 3.94 -3.34
C GLU H 18 36.91 3.39 -2.40
N PRO H 19 36.89 2.08 -2.13
CA PRO H 19 35.81 1.50 -1.33
C PRO H 19 35.84 1.97 0.12
N SER H 20 34.67 1.91 0.75
CA SER H 20 34.52 2.31 2.14
C SER H 20 33.29 1.62 2.72
N GLN H 21 33.47 0.88 3.81
CA GLN H 21 32.38 0.15 4.42
C GLN H 21 31.54 1.08 5.29
N VAL H 22 30.22 0.96 5.16
CA VAL H 22 29.26 1.79 5.87
C VAL H 22 28.10 0.92 6.31
N ILE H 23 27.55 1.21 7.50
CA ILE H 23 26.39 0.52 8.02
C ILE H 23 25.22 1.50 8.04
N PHE H 24 24.10 1.11 7.45
CA PHE H 24 22.88 1.91 7.45
C PHE H 24 21.99 1.40 8.57
N CYS H 25 21.80 2.22 9.61
CA CYS H 25 21.02 1.86 10.77
C CYS H 25 19.72 2.68 10.78
N ASN H 26 18.59 2.00 10.73
CA ASN H 26 17.28 2.65 10.71
C ASN H 26 16.72 2.67 12.13
N ARG H 27 16.85 3.80 12.81
CA ARG H 27 16.28 3.97 14.13
C ARG H 27 14.93 4.66 14.10
N SER H 28 14.34 4.83 12.94
CA SER H 28 13.07 5.51 12.82
C SER H 28 11.94 4.49 12.72
N PRO H 29 10.72 4.88 13.11
CA PRO H 29 9.59 3.94 13.03
C PRO H 29 9.10 3.71 11.61
N ARG H 30 9.75 4.28 10.60
CA ARG H 30 9.29 4.22 9.23
C ARG H 30 10.32 3.51 8.35
N VAL H 31 9.86 3.06 7.19
CA VAL H 31 10.75 2.48 6.20
C VAL H 31 11.58 3.60 5.58
N VAL H 32 12.90 3.41 5.56
CA VAL H 32 13.81 4.43 5.08
C VAL H 32 14.19 4.13 3.64
N LEU H 33 14.12 5.15 2.79
CA LEU H 33 14.55 5.05 1.41
C LEU H 33 15.90 5.76 1.26
N PRO H 34 17.01 5.03 1.22
CA PRO H 34 18.31 5.69 1.00
C PRO H 34 18.41 6.18 -0.44
N VAL H 35 18.84 7.43 -0.59
CA VAL H 35 19.00 8.05 -1.89
C VAL H 35 20.47 8.41 -2.07
N TRP H 36 21.02 8.05 -3.22
CA TRP H 36 22.41 8.33 -3.56
C TRP H 36 22.47 9.40 -4.64
N LEU H 37 23.31 10.40 -4.45
CA LEU H 37 23.55 11.43 -5.44
C LEU H 37 24.75 11.02 -6.30
N ASN H 38 24.52 10.83 -7.59
CA ASN H 38 25.57 10.34 -8.48
C ASN H 38 26.58 11.45 -8.74
N PHE H 39 27.48 11.21 -9.69
CA PHE H 39 28.53 12.17 -10.01
C PHE H 39 28.00 13.33 -10.84
N ASP H 40 26.78 13.25 -11.37
CA ASP H 40 26.14 14.36 -12.05
C ASP H 40 25.15 15.10 -11.16
N GLY H 41 25.03 14.70 -9.90
CA GLY H 41 24.15 15.35 -8.95
C GLY H 41 22.72 14.84 -8.91
N GLU H 42 22.36 13.88 -9.77
CA GLU H 42 20.98 13.39 -9.81
C GLU H 42 20.74 12.39 -8.67
N PRO H 43 19.58 12.46 -8.02
CA PRO H 43 19.29 11.49 -6.96
C PRO H 43 18.86 10.15 -7.52
N GLN H 44 19.40 9.08 -6.91
CA GLN H 44 19.11 7.72 -7.34
C GLN H 44 18.66 6.89 -6.14
N PRO H 45 17.53 6.21 -6.21
CA PRO H 45 17.05 5.43 -5.06
C PRO H 45 17.76 4.09 -4.94
N TYR H 46 17.84 3.62 -3.71
CA TYR H 46 18.45 2.35 -3.34
C TYR H 46 17.47 1.57 -2.49
N PRO H 47 17.66 0.24 -2.38
CA PRO H 47 16.69 -0.58 -1.64
C PRO H 47 16.38 -0.02 -0.25
N THR H 48 15.14 -0.21 0.17
CA THR H 48 14.64 0.40 1.39
C THR H 48 15.13 -0.35 2.62
N LEU H 49 14.90 0.25 3.79
CA LEU H 49 15.32 -0.30 5.07
C LEU H 49 14.11 -0.43 5.99
N PRO H 50 13.81 -1.63 6.50
CA PRO H 50 12.71 -1.74 7.46
C PRO H 50 13.05 -1.03 8.75
N PRO H 51 12.04 -0.59 9.51
CA PRO H 51 12.31 0.09 10.78
C PRO H 51 12.97 -0.86 11.77
N GLY H 52 13.92 -0.32 12.53
CA GLY H 52 14.62 -1.12 13.52
C GLY H 52 15.52 -2.18 12.94
N THR H 53 16.15 -1.90 11.79
CA THR H 53 17.03 -2.85 11.14
C THR H 53 18.27 -2.13 10.63
N GLY H 54 19.40 -2.81 10.67
CA GLY H 54 20.64 -2.27 10.16
C GLY H 54 21.35 -3.29 9.30
N ARG H 55 22.07 -2.79 8.29
CA ARG H 55 22.78 -3.66 7.37
C ARG H 55 24.05 -2.97 6.89
N ARG H 56 25.08 -3.78 6.63
CA ARG H 56 26.29 -3.27 6.03
C ARG H 56 26.00 -2.82 4.60
N ILE H 57 26.70 -1.76 4.18
CA ILE H 57 26.49 -1.15 2.87
C ILE H 57 27.86 -0.84 2.27
N HIS H 58 28.04 -1.19 1.01
CA HIS H 58 29.29 -0.94 0.30
C HIS H 58 29.16 0.37 -0.48
N SER H 59 29.99 1.34 -0.14
CA SER H 59 29.97 2.63 -0.81
C SER H 59 31.42 3.07 -1.02
N TYR H 60 31.62 4.35 -1.31
CA TYR H 60 32.95 4.89 -1.62
C TYR H 60 33.09 6.27 -1.00
N ARG H 61 34.34 6.70 -0.84
CA ARG H 61 34.60 7.97 -0.18
C ARG H 61 34.12 9.14 -1.04
N GLY H 62 33.52 10.13 -0.39
CA GLY H 62 33.06 11.32 -1.08
C GLY H 62 31.75 11.18 -1.78
N HIS H 63 30.97 10.15 -1.47
CA HIS H 63 29.66 9.97 -2.07
C HIS H 63 28.59 10.57 -1.17
N LEU H 64 27.55 11.11 -1.79
CA LEU H 64 26.48 11.76 -1.06
C LEU H 64 25.36 10.78 -0.78
N TRP H 65 24.73 10.93 0.38
CA TRP H 65 23.61 10.08 0.76
C TRP H 65 22.61 10.90 1.57
N LEU H 66 21.34 10.77 1.22
CA LEU H 66 20.27 11.36 2.00
C LEU H 66 19.14 10.35 2.11
N PHE H 67 18.44 10.37 3.24
CA PHE H 67 17.49 9.32 3.58
C PHE H 67 16.08 9.89 3.69
N ARG H 68 15.12 9.13 3.18
CA ARG H 68 13.75 9.60 3.04
C ARG H 68 12.79 8.59 3.67
N ASP H 69 11.71 9.13 4.24
CA ASP H 69 10.64 8.30 4.76
C ASP H 69 9.87 7.69 3.59
N ALA H 70 9.72 6.37 3.59
CA ALA H 70 9.01 5.70 2.52
C ALA H 70 7.49 5.90 2.58
N GLY H 71 6.99 6.46 3.67
CA GLY H 71 5.56 6.68 3.81
C GLY H 71 5.16 8.13 3.65
N THR H 72 5.80 9.01 4.42
CA THR H 72 5.50 10.44 4.38
C THR H 72 6.29 11.18 3.31
N HIS H 73 7.23 10.52 2.65
CA HIS H 73 8.10 11.11 1.62
C HIS H 73 8.94 12.26 2.15
N ASP H 74 8.89 12.52 3.46
CA ASP H 74 9.67 13.60 4.06
C ASP H 74 11.08 13.11 4.37
N GLY H 75 12.02 14.05 4.38
CA GLY H 75 13.40 13.70 4.65
C GLY H 75 13.61 13.26 6.09
N LEU H 76 14.68 12.49 6.28
CA LEU H 76 15.07 12.02 7.60
C LEU H 76 16.52 12.42 7.86
N LEU H 77 16.87 12.45 9.15
CA LEU H 77 18.21 12.81 9.55
C LEU H 77 19.11 11.57 9.57
N VAL H 78 20.39 11.79 9.23
CA VAL H 78 21.42 10.77 9.32
C VAL H 78 22.61 11.42 10.02
N ASN H 79 22.93 10.92 11.22
CA ASN H 79 23.95 11.51 12.07
C ASN H 79 23.63 12.98 12.35
N GLN H 80 22.36 13.24 12.69
CA GLN H 80 21.88 14.56 13.08
C GLN H 80 22.13 15.62 12.01
N THR H 81 22.04 15.22 10.75
CA THR H 81 22.17 16.17 9.64
C THR H 81 21.49 15.56 8.42
N GLU H 82 21.39 16.37 7.36
CA GLU H 82 20.65 15.96 6.18
C GLU H 82 21.45 15.03 5.29
N LEU H 83 22.73 15.34 5.07
CA LEU H 83 23.57 14.58 4.16
C LEU H 83 24.56 13.71 4.92
N PHE H 84 25.01 12.66 4.25
CA PHE H 84 25.98 11.73 4.81
C PHE H 84 27.02 11.41 3.74
N VAL H 85 28.30 11.42 4.12
CA VAL H 85 29.39 11.15 3.21
C VAL H 85 30.36 10.17 3.86
N PRO H 86 30.61 9.00 3.25
CA PRO H 86 31.56 8.05 3.84
C PRO H 86 33.00 8.53 3.67
N SER H 87 33.73 8.54 4.79
CA SER H 87 35.16 8.79 4.79
C SER H 87 35.93 7.47 4.63
N LEU H 88 37.24 7.59 4.40
CA LEU H 88 38.10 6.41 4.32
C LEU H 88 38.19 5.72 5.67
N PRO H 94 34.18 0.18 11.08
CA PRO H 94 33.01 0.50 10.26
C PRO H 94 32.50 1.91 10.51
N ILE H 95 31.94 2.53 9.48
CA ILE H 95 31.35 3.87 9.58
C ILE H 95 29.84 3.72 9.73
N PHE H 96 29.29 4.29 10.79
CA PHE H 96 27.86 4.19 11.08
C PHE H 96 27.11 5.41 10.55
N ALA H 97 25.87 5.15 10.11
CA ALA H 97 24.96 6.19 9.61
C ALA H 97 23.62 5.97 10.31
N ASN H 98 23.43 6.63 11.45
CA ASN H 98 22.21 6.47 12.23
C ASN H 98 21.09 7.31 11.62
N ILE H 99 20.05 6.65 11.15
CA ILE H 99 18.90 7.32 10.55
C ILE H 99 17.84 7.48 11.62
N THR H 100 17.56 8.73 12.00
CA THR H 100 16.59 9.02 13.05
C THR H 100 15.54 9.99 12.52
N LEU H 101 14.43 10.04 13.22
CA LEU H 101 13.33 10.93 12.89
C LEU H 101 13.66 12.36 13.32
N PRO H 102 13.32 13.36 12.52
CA PRO H 102 13.52 14.74 12.92
C PRO H 102 12.34 15.27 13.73
N VAL H 103 12.50 16.49 14.24
CA VAL H 103 11.44 17.17 14.97
C VAL H 103 10.70 18.02 13.96
N TYR H 104 9.65 17.44 13.38
CA TYR H 104 8.83 18.16 12.41
C TYR H 104 8.07 19.29 13.09
N THR H 105 7.64 20.26 12.28
CA THR H 105 6.69 21.24 12.76
C THR H 105 5.32 20.57 12.92
N LEU H 106 4.51 21.11 13.83
CA LEU H 106 3.20 20.52 14.05
C LEU H 106 2.35 20.57 12.79
N LYS H 107 2.50 21.63 11.99
CA LYS H 107 1.77 21.72 10.73
C LYS H 107 2.19 20.61 9.77
N GLU H 108 3.51 20.41 9.63
CA GLU H 108 3.98 19.38 8.71
C GLU H 108 3.64 17.98 9.23
N ARG H 109 3.73 17.78 10.55
CA ARG H 109 3.34 16.50 11.12
C ARG H 109 1.85 16.25 10.91
N CYS H 110 1.03 17.31 10.99
CA CYS H 110 -0.40 17.15 10.71
C CYS H 110 -0.64 16.84 9.24
N LEU H 111 0.13 17.46 8.33
CA LEU H 111 -0.03 17.16 6.92
C LEU H 111 0.30 15.70 6.62
N GLN H 112 1.32 15.15 7.30
CA GLN H 112 1.68 13.75 7.10
C GLN H 112 0.54 12.82 7.49
N VAL H 113 -0.25 13.20 8.48
CA VAL H 113 -1.36 12.36 8.92
C VAL H 113 -2.55 12.48 7.98
N VAL H 114 -2.87 13.71 7.54
CA VAL H 114 -4.03 13.92 6.69
C VAL H 114 -3.80 13.31 5.30
N ARG H 115 -2.57 13.41 4.79
CA ARG H 115 -2.26 12.82 3.49
C ARG H 115 -2.39 11.31 3.52
N SER H 116 -2.06 10.68 4.65
CA SER H 116 -2.09 9.23 4.76
C SER H 116 -3.50 8.69 4.96
N LEU H 117 -4.50 9.55 5.15
CA LEU H 117 -5.86 9.13 5.39
C LEU H 117 -6.86 9.65 4.37
N VAL H 118 -6.43 10.48 3.43
CA VAL H 118 -7.32 11.08 2.43
C VAL H 118 -6.68 10.92 1.06
N LYS H 119 -7.47 10.43 0.10
CA LYS H 119 -7.00 10.34 -1.27
C LYS H 119 -6.71 11.73 -1.82
N PRO H 120 -5.66 11.88 -2.65
CA PRO H 120 -5.30 13.22 -3.13
C PRO H 120 -6.43 13.92 -3.87
N GLU H 121 -7.37 13.20 -4.46
CA GLU H 121 -8.52 13.82 -5.11
C GLU H 121 -9.60 14.23 -4.13
N ASN H 122 -9.39 14.02 -2.83
CA ASN H 122 -10.36 14.43 -1.81
C ASN H 122 -9.80 15.48 -0.86
N TYR H 123 -8.60 16.00 -1.13
CA TYR H 123 -8.05 17.07 -0.32
C TYR H 123 -9.01 18.27 -0.31
N ARG H 124 -9.47 18.68 -1.49
CA ARG H 124 -10.39 19.80 -1.60
C ARG H 124 -11.74 19.51 -0.95
N ARG H 125 -12.12 18.22 -0.83
CA ARG H 125 -13.37 17.89 -0.18
C ARG H 125 -13.33 18.14 1.33
N LEU H 126 -12.15 18.14 1.94
CA LEU H 126 -12.06 18.34 3.39
C LEU H 126 -12.48 19.76 3.76
N ASP H 127 -12.97 19.89 4.99
CA ASP H 127 -13.48 21.17 5.50
C ASP H 127 -12.36 21.88 6.25
N ILE H 128 -11.49 22.53 5.49
CA ILE H 128 -10.38 23.29 6.02
C ILE H 128 -10.23 24.58 5.21
N VAL H 129 -9.31 25.44 5.64
CA VAL H 129 -9.06 26.68 4.93
C VAL H 129 -8.47 26.37 3.55
N ARG H 130 -8.78 27.24 2.58
CA ARG H 130 -8.36 27.00 1.21
C ARG H 130 -6.85 27.02 1.07
N SER H 131 -6.14 27.73 1.95
CA SER H 131 -4.69 27.75 1.92
C SER H 131 -4.07 26.40 2.26
N LEU H 132 -4.82 25.52 2.93
CA LEU H 132 -4.32 24.20 3.29
C LEU H 132 -4.41 23.20 2.13
N TYR H 133 -5.23 23.48 1.12
CA TYR H 133 -5.26 22.61 -0.05
C TYR H 133 -3.92 22.60 -0.76
N GLU H 134 -3.29 23.77 -0.91
CA GLU H 134 -1.96 23.84 -1.49
C GLU H 134 -0.95 23.08 -0.64
N ASP H 135 -1.01 23.24 0.68
CA ASP H 135 -0.07 22.54 1.55
C ASP H 135 -0.26 21.03 1.43
N LEU H 136 -1.50 20.58 1.31
CA LEU H 136 -1.77 19.15 1.11
C LEU H 136 -1.23 18.68 -0.23
N GLU H 137 -1.37 19.50 -1.28
CA GLU H 137 -0.89 19.13 -2.60
C GLU H 137 0.62 19.29 -2.74
N ASP H 138 1.23 20.16 -1.94
CA ASP H 138 2.68 20.32 -1.95
C ASP H 138 3.33 19.08 -1.35
N HIS H 139 3.34 17.98 -2.09
CA HIS H 139 3.89 16.74 -1.55
C HIS H 139 5.41 16.84 -1.41
N PRO H 140 5.98 16.28 -0.35
CA PRO H 140 7.43 16.36 -0.18
C PRO H 140 8.14 15.51 -1.23
N ASN H 141 9.38 15.90 -1.53
CA ASN H 141 10.16 15.15 -2.50
C ASN H 141 11.64 15.49 -2.34
N VAL H 142 12.49 14.69 -3.01
CA VAL H 142 13.94 14.87 -2.94
C VAL H 142 14.37 16.11 -3.71
N GLN H 143 13.74 16.40 -4.85
CA GLN H 143 14.12 17.56 -5.63
C GLN H 143 13.98 18.85 -4.83
N LYS H 144 12.83 19.02 -4.16
CA LYS H 144 12.59 20.24 -3.39
C LYS H 144 13.65 20.43 -2.30
N ASP H 145 13.94 19.37 -1.55
CA ASP H 145 15.00 19.46 -0.54
C ASP H 145 16.36 19.69 -1.18
N LEU H 146 16.59 19.14 -2.37
CA LEU H 146 17.83 19.40 -3.09
C LEU H 146 17.89 20.85 -3.55
N GLU H 147 16.73 21.42 -3.91
CA GLU H 147 16.66 22.84 -4.25
C GLU H 147 17.03 23.70 -3.06
N ARG H 148 16.50 23.37 -1.89
CA ARG H 148 16.86 24.12 -0.69
C ARG H 148 18.31 23.90 -0.30
N LEU H 149 18.81 22.66 -0.44
CA LEU H 149 20.18 22.35 -0.03
C LEU H 149 21.20 23.02 -0.94
N THR H 150 20.97 23.01 -2.25
CA THR H 150 21.94 23.59 -3.16
C THR H 150 22.00 25.11 -3.03
N GLN H 151 20.84 25.74 -2.82
CA GLN H 151 20.81 27.20 -2.70
C GLN H 151 21.62 27.67 -1.51
N GLU H 152 21.56 26.94 -0.40
CA GLU H 152 22.35 27.28 0.78
C GLU H 152 23.84 27.14 0.50
N ARG H 153 24.23 26.09 -0.21
CA ARG H 153 25.63 25.92 -0.57
C ARG H 153 26.08 26.90 -1.64
N ILE H 154 25.14 27.48 -2.39
CA ILE H 154 25.50 28.44 -3.44
C ILE H 154 25.89 29.78 -2.85
N ALA H 155 25.07 30.29 -1.91
CA ALA H 155 25.34 31.61 -1.35
C ALA H 155 26.49 31.59 -0.35
N HIS H 156 26.79 30.44 0.26
CA HIS H 156 27.85 30.36 1.25
C HIS H 156 29.18 29.94 0.61
#